data_6TJR
#
_entry.id   6TJR
#
_cell.length_a   145.620
_cell.length_b   145.620
_cell.length_c   64.100
_cell.angle_alpha   90.000
_cell.angle_beta   90.000
_cell.angle_gamma   120.000
#
_symmetry.space_group_name_H-M   'P 65'
#
loop_
_entity.id
_entity.type
_entity.pdbx_description
1 polymer 'Fumarate reductase/succinate dehydrogenase flavoprotein domain protein'
2 non-polymer 'IRON/SULFUR CLUSTER'
3 non-polymer 'FLAVIN-ADENINE DINUCLEOTIDE'
4 non-polymer '2-(N-MORPHOLINO)-ETHANESULFONIC ACID'
5 water water
#
_entity_poly.entity_id   1
_entity_poly.type   'polypeptide(L)'
_entity_poly.pdbx_seq_one_letter_code
;MKPILVVGGGPAGLAATHALANVGQPSVLVEKRDRLGGAPIFSGYAKLVPSGRWANEAIGGMVSRIETDSLISIKTNTTV
VSFDGDPNNFTAKLSDGTSIDCASAILTTGFSHFDSVNKPEWGFGMFPDVVTTTQVEQMISSGKGVRCLSDGRKPKRVAI
LLCVGSRDRQIGREWCSKICCTVSANLAMEIREELPDCHVYIYYMDIRTFGHYESDYYWRSQEEFKVKYIKARIAEVTSD
GKQLIVKGEDTLVKRPITIPFDMVVHAIGMDPNVDNMTISAIFGVELHKHGYIARKDTYGLMGATSRPGVFVAGSAIGPE
TIDDSIAQANAAAMSALSLGRSIPREAAE
;
_entity_poly.pdbx_strand_id   A,B
#
loop_
_chem_comp.id
_chem_comp.type
_chem_comp.name
_chem_comp.formula
FAD non-polymer 'FLAVIN-ADENINE DINUCLEOTIDE' 'C27 H33 N9 O15 P2'
MES non-polymer '2-(N-MORPHOLINO)-ETHANESULFONIC ACID' 'C6 H13 N O4 S'
SF4 non-polymer 'IRON/SULFUR CLUSTER' 'Fe4 S4'
#
# COMPACT_ATOMS: atom_id res chain seq x y z
N LYS A 2 -24.99 -8.36 -21.23
CA LYS A 2 -25.27 -7.93 -19.86
C LYS A 2 -24.12 -7.09 -19.31
N PRO A 3 -24.34 -5.82 -19.01
CA PRO A 3 -23.23 -5.00 -18.54
C PRO A 3 -22.94 -5.13 -17.06
N ILE A 4 -21.72 -4.69 -16.67
CA ILE A 4 -21.35 -4.63 -15.28
C ILE A 4 -21.55 -3.16 -14.88
N LEU A 5 -22.18 -2.95 -13.72
CA LEU A 5 -22.40 -1.62 -13.20
C LEU A 5 -21.20 -1.19 -12.39
N VAL A 6 -20.61 -0.02 -12.71
CA VAL A 6 -19.47 0.51 -11.95
C VAL A 6 -19.95 1.84 -11.39
N VAL A 7 -19.81 2.03 -10.07
CA VAL A 7 -20.33 3.21 -9.39
C VAL A 7 -19.19 4.07 -8.84
N GLY A 8 -19.06 5.28 -9.39
CA GLY A 8 -18.00 6.21 -9.02
C GLY A 8 -16.93 6.26 -10.09
N GLY A 9 -16.77 7.42 -10.73
CA GLY A 9 -15.87 7.60 -11.86
C GLY A 9 -14.52 8.25 -11.54
N GLY A 10 -13.92 7.89 -10.41
CA GLY A 10 -12.57 8.34 -10.07
C GLY A 10 -11.56 7.37 -10.64
N PRO A 11 -10.29 7.46 -10.22
CA PRO A 11 -9.26 6.55 -10.76
C PRO A 11 -9.69 5.07 -10.77
N ALA A 12 -10.31 4.62 -9.65
CA ALA A 12 -10.72 3.21 -9.60
C ALA A 12 -11.83 2.88 -10.64
N GLY A 13 -12.91 3.69 -10.70
CA GLY A 13 -13.98 3.38 -11.67
C GLY A 13 -13.51 3.51 -13.11
N LEU A 14 -12.62 4.51 -13.36
CA LEU A 14 -12.07 4.68 -14.70
C LEU A 14 -11.23 3.46 -15.08
N ALA A 15 -10.47 2.92 -14.12
CA ALA A 15 -9.64 1.74 -14.41
C ALA A 15 -10.53 0.49 -14.63
N ALA A 16 -11.57 0.29 -13.78
CA ALA A 16 -12.39 -0.91 -13.93
C ALA A 16 -13.13 -0.92 -15.26
N THR A 17 -13.75 0.22 -15.62
CA THR A 17 -14.52 0.25 -16.87
C THR A 17 -13.62 0.03 -18.09
N HIS A 18 -12.46 0.69 -18.11
CA HIS A 18 -11.52 0.52 -19.23
C HIS A 18 -11.05 -0.93 -19.33
N ALA A 19 -10.70 -1.54 -18.18
CA ALA A 19 -10.22 -2.92 -18.19
C ALA A 19 -11.29 -3.87 -18.75
N LEU A 20 -12.55 -3.65 -18.37
CA LEU A 20 -13.64 -4.49 -18.86
C LEU A 20 -13.85 -4.29 -20.37
N ALA A 21 -13.83 -3.02 -20.82
CA ALA A 21 -14.01 -2.74 -22.24
C ALA A 21 -12.89 -3.43 -23.04
N ASN A 22 -11.65 -3.46 -22.47
CA ASN A 22 -10.50 -4.09 -23.17
C ASN A 22 -10.62 -5.60 -23.37
N VAL A 23 -11.56 -6.24 -22.68
CA VAL A 23 -11.87 -7.67 -22.87
C VAL A 23 -13.26 -7.87 -23.49
N GLY A 24 -13.86 -6.78 -24.01
CA GLY A 24 -15.14 -6.84 -24.69
C GLY A 24 -16.35 -6.94 -23.80
N GLN A 25 -16.20 -6.56 -22.51
CA GLN A 25 -17.33 -6.62 -21.58
C GLN A 25 -17.88 -5.22 -21.37
N PRO A 26 -19.15 -4.97 -21.75
CA PRO A 26 -19.71 -3.63 -21.57
C PRO A 26 -19.93 -3.29 -20.11
N SER A 27 -19.94 -1.98 -19.81
CA SER A 27 -20.18 -1.52 -18.45
C SER A 27 -20.98 -0.24 -18.51
N VAL A 28 -21.58 0.11 -17.37
CA VAL A 28 -22.31 1.35 -17.18
C VAL A 28 -21.64 2.03 -16.01
N LEU A 29 -21.14 3.27 -16.21
CA LEU A 29 -20.42 3.99 -15.17
C LEU A 29 -21.34 5.09 -14.64
N VAL A 30 -21.65 5.03 -13.34
CA VAL A 30 -22.55 6.01 -12.71
C VAL A 30 -21.73 6.93 -11.84
N GLU A 31 -21.75 8.24 -12.15
CA GLU A 31 -20.94 9.20 -11.42
C GLU A 31 -21.89 10.31 -10.91
N LYS A 32 -21.85 10.58 -9.60
CA LYS A 32 -22.73 11.56 -8.98
C LYS A 32 -22.45 13.02 -9.40
N ARG A 33 -21.16 13.34 -9.64
CA ARG A 33 -20.74 14.68 -10.02
C ARG A 33 -20.92 14.94 -11.51
N ASP A 34 -20.71 16.21 -11.94
CA ASP A 34 -20.89 16.57 -13.34
C ASP A 34 -19.81 16.01 -14.23
N ARG A 35 -18.60 15.77 -13.67
CA ARG A 35 -17.48 15.27 -14.44
C ARG A 35 -16.85 14.06 -13.81
N LEU A 36 -16.14 13.29 -14.65
CA LEU A 36 -15.34 12.15 -14.18
C LEU A 36 -13.95 12.63 -13.71
N GLY A 37 -13.22 11.70 -13.09
CA GLY A 37 -11.85 11.97 -12.66
C GLY A 37 -11.59 11.78 -11.17
N GLY A 38 -12.68 11.83 -10.39
CA GLY A 38 -12.54 11.69 -8.96
C GLY A 38 -11.75 12.81 -8.32
N ALA A 39 -11.26 12.54 -7.13
CA ALA A 39 -10.57 13.59 -6.35
C ALA A 39 -9.40 14.23 -7.10
N PRO A 40 -8.57 13.49 -7.84
CA PRO A 40 -7.44 14.18 -8.49
C PRO A 40 -7.85 15.25 -9.46
N ILE A 41 -9.04 15.10 -10.09
CA ILE A 41 -9.49 16.12 -11.03
C ILE A 41 -10.33 17.15 -10.32
N PHE A 42 -11.38 16.73 -9.58
CA PHE A 42 -12.27 17.67 -8.90
CA PHE A 42 -12.25 17.76 -8.99
C PHE A 42 -11.53 18.57 -7.94
N SER A 43 -10.53 17.98 -7.25
CA SER A 43 -9.74 18.70 -6.25
C SER A 43 -8.47 19.33 -6.82
N GLY A 44 -8.27 19.25 -8.15
CA GLY A 44 -7.15 19.95 -8.77
C GLY A 44 -5.77 19.55 -8.33
N TYR A 45 -5.51 18.26 -8.18
CA TYR A 45 -4.17 17.84 -7.80
C TYR A 45 -3.13 18.29 -8.84
N ALA A 46 -1.93 18.56 -8.36
CA ALA A 46 -0.82 18.98 -9.21
C ALA A 46 -0.04 17.69 -9.61
N LYS A 47 1.29 17.60 -9.35
N LYS A 47 1.27 17.60 -9.32
CA LYS A 47 2.02 16.37 -9.74
CA LYS A 47 2.02 16.40 -9.68
C LYS A 47 1.72 15.24 -8.76
C LYS A 47 1.64 15.26 -8.74
N LEU A 48 1.51 14.06 -9.30
CA LEU A 48 1.17 12.90 -8.53
C LEU A 48 2.40 12.16 -8.05
N VAL A 49 2.23 11.47 -6.93
CA VAL A 49 3.22 10.51 -6.53
C VAL A 49 2.69 9.14 -7.02
N PRO A 50 3.55 8.22 -7.47
CA PRO A 50 5.02 8.33 -7.51
C PRO A 50 5.57 8.80 -8.84
N SER A 51 4.69 9.01 -9.83
CA SER A 51 5.07 9.23 -11.23
C SER A 51 5.68 10.60 -11.50
N GLY A 52 5.28 11.60 -10.72
CA GLY A 52 5.68 12.98 -11.01
C GLY A 52 4.90 13.58 -12.16
N ARG A 53 3.84 12.87 -12.61
CA ARG A 53 3.08 13.41 -13.72
C ARG A 53 1.94 14.27 -13.21
N TRP A 54 1.57 15.26 -14.01
CA TRP A 54 0.47 16.13 -13.61
C TRP A 54 -0.83 15.36 -13.61
N ALA A 55 -1.62 15.50 -12.54
CA ALA A 55 -2.87 14.73 -12.46
C ALA A 55 -3.81 15.07 -13.63
N ASN A 56 -3.82 16.31 -14.10
CA ASN A 56 -4.71 16.67 -15.22
C ASN A 56 -4.35 15.82 -16.43
N GLU A 57 -3.04 15.57 -16.65
CA GLU A 57 -2.66 14.73 -17.79
C GLU A 57 -2.85 13.25 -17.47
N ALA A 58 -2.32 12.77 -16.34
CA ALA A 58 -2.38 11.34 -16.02
C ALA A 58 -3.80 10.83 -15.83
N ILE A 59 -4.60 11.51 -14.97
CA ILE A 59 -5.98 11.05 -14.76
C ILE A 59 -6.84 11.56 -15.90
N GLY A 60 -6.50 12.71 -16.49
CA GLY A 60 -7.25 13.17 -17.65
C GLY A 60 -7.26 12.15 -18.77
N GLY A 61 -6.13 11.47 -18.98
CA GLY A 61 -6.07 10.45 -20.04
C GLY A 61 -6.94 9.25 -19.68
N MET A 62 -7.01 8.90 -18.38
CA MET A 62 -7.89 7.78 -17.97
C MET A 62 -9.37 8.14 -18.22
N VAL A 63 -9.71 9.44 -18.11
CA VAL A 63 -11.07 9.89 -18.41
C VAL A 63 -11.28 9.89 -19.93
N SER A 64 -10.34 10.53 -20.68
N SER A 64 -10.37 10.56 -20.68
CA SER A 64 -10.50 10.62 -22.13
CA SER A 64 -10.60 10.69 -22.12
C SER A 64 -10.73 9.29 -22.82
C SER A 64 -10.66 9.34 -22.89
N ARG A 65 -9.93 8.29 -22.44
CA ARG A 65 -9.97 7.01 -23.14
C ARG A 65 -11.27 6.24 -22.95
N ILE A 66 -12.05 6.58 -21.90
CA ILE A 66 -13.32 5.89 -21.77
C ILE A 66 -14.49 6.71 -22.34
N GLU A 67 -14.31 8.02 -22.49
CA GLU A 67 -15.42 8.90 -22.91
C GLU A 67 -15.91 8.68 -24.32
N THR A 68 -15.11 8.01 -25.15
CA THR A 68 -15.49 7.70 -26.52
C THR A 68 -15.46 6.18 -26.77
N ASP A 69 -15.38 5.36 -25.70
CA ASP A 69 -15.37 3.90 -25.84
C ASP A 69 -16.82 3.41 -25.82
N SER A 70 -17.33 2.89 -26.96
CA SER A 70 -18.73 2.50 -27.07
C SER A 70 -19.15 1.34 -26.17
N LEU A 71 -18.19 0.68 -25.52
CA LEU A 71 -18.54 -0.40 -24.60
C LEU A 71 -18.83 0.17 -23.22
N ILE A 72 -18.58 1.47 -22.98
CA ILE A 72 -18.83 2.06 -21.68
C ILE A 72 -19.91 3.12 -21.82
N SER A 73 -20.99 2.98 -21.04
CA SER A 73 -22.07 3.98 -21.04
C SER A 73 -21.88 4.83 -19.81
N ILE A 74 -21.59 6.11 -20.00
CA ILE A 74 -21.32 6.99 -18.88
C ILE A 74 -22.54 7.77 -18.48
N LYS A 75 -22.85 7.77 -17.18
CA LYS A 75 -23.97 8.56 -16.62
C LYS A 75 -23.45 9.48 -15.54
N THR A 76 -23.16 10.75 -15.90
CA THR A 76 -22.76 11.74 -14.93
C THR A 76 -24.01 12.38 -14.32
N ASN A 77 -23.84 13.12 -13.20
CA ASN A 77 -24.96 13.77 -12.47
C ASN A 77 -26.04 12.74 -12.12
N THR A 78 -25.61 11.52 -11.81
CA THR A 78 -26.52 10.41 -11.57
C THR A 78 -26.06 9.57 -10.37
N THR A 79 -27.02 8.99 -9.65
CA THR A 79 -26.70 8.04 -8.58
C THR A 79 -27.57 6.81 -8.76
N VAL A 80 -27.20 5.71 -8.05
CA VAL A 80 -28.03 4.51 -8.05
C VAL A 80 -29.00 4.71 -6.88
N VAL A 81 -30.31 4.64 -7.15
CA VAL A 81 -31.28 4.87 -6.09
C VAL A 81 -31.84 3.54 -5.54
N SER A 82 -31.78 2.46 -6.34
CA SER A 82 -32.18 1.13 -5.87
C SER A 82 -31.40 0.05 -6.61
N PHE A 83 -31.15 -1.04 -5.93
CA PHE A 83 -30.37 -2.15 -6.46
C PHE A 83 -30.93 -3.43 -5.89
N ASP A 84 -31.33 -4.35 -6.76
CA ASP A 84 -31.97 -5.60 -6.33
C ASP A 84 -31.55 -6.75 -7.20
N GLY A 85 -31.72 -7.97 -6.69
CA GLY A 85 -31.46 -9.16 -7.47
C GLY A 85 -30.35 -10.03 -6.92
N ASP A 86 -29.78 -10.83 -7.82
CA ASP A 86 -28.70 -11.77 -7.47
C ASP A 86 -27.66 -11.78 -8.56
N PRO A 87 -26.48 -12.42 -8.35
CA PRO A 87 -25.46 -12.44 -9.41
C PRO A 87 -26.03 -12.87 -10.76
N ASN A 88 -25.67 -12.14 -11.84
CA ASN A 88 -26.13 -12.33 -13.21
C ASN A 88 -27.59 -11.96 -13.41
N ASN A 89 -28.21 -11.33 -12.38
CA ASN A 89 -29.61 -10.99 -12.43
C ASN A 89 -29.93 -9.81 -11.51
N PHE A 90 -29.14 -8.73 -11.66
CA PHE A 90 -29.40 -7.53 -10.89
C PHE A 90 -30.14 -6.48 -11.71
N THR A 91 -30.91 -5.63 -11.02
CA THR A 91 -31.55 -4.49 -11.63
C THR A 91 -31.18 -3.28 -10.79
N ALA A 92 -30.56 -2.30 -11.44
CA ALA A 92 -30.18 -1.04 -10.79
C ALA A 92 -31.08 0.06 -11.33
N LYS A 93 -31.71 0.83 -10.43
CA LYS A 93 -32.53 1.94 -10.88
C LYS A 93 -31.75 3.21 -10.58
N LEU A 94 -31.64 4.11 -11.59
CA LEU A 94 -30.88 5.34 -11.46
C LEU A 94 -31.76 6.55 -11.16
N SER A 95 -31.12 7.62 -10.62
CA SER A 95 -31.80 8.85 -10.22
C SER A 95 -32.51 9.56 -11.37
N ASP A 96 -32.11 9.28 -12.62
CA ASP A 96 -32.75 9.89 -13.80
C ASP A 96 -33.88 9.01 -14.36
N GLY A 97 -34.20 7.91 -13.69
CA GLY A 97 -35.26 7.00 -14.10
C GLY A 97 -34.80 5.81 -14.93
N THR A 98 -33.52 5.78 -15.36
CA THR A 98 -32.96 4.67 -16.14
C THR A 98 -32.97 3.39 -15.29
N SER A 99 -33.25 2.26 -15.93
CA SER A 99 -33.18 0.96 -15.28
C SER A 99 -32.11 0.16 -16.02
N ILE A 100 -31.18 -0.46 -15.28
CA ILE A 100 -30.05 -1.20 -15.85
C ILE A 100 -30.13 -2.65 -15.39
N ASP A 101 -30.26 -3.60 -16.32
CA ASP A 101 -30.16 -5.02 -15.98
C ASP A 101 -28.66 -5.34 -16.05
N CYS A 102 -28.05 -5.66 -14.90
CA CYS A 102 -26.61 -5.84 -14.84
C CYS A 102 -26.21 -7.18 -14.24
N ALA A 103 -24.99 -7.64 -14.57
CA ALA A 103 -24.53 -8.94 -14.08
C ALA A 103 -23.97 -8.87 -12.67
N SER A 104 -23.39 -7.71 -12.32
CA SER A 104 -22.68 -7.48 -11.07
C SER A 104 -22.47 -5.98 -10.93
N ALA A 105 -22.00 -5.57 -9.75
CA ALA A 105 -21.70 -4.16 -9.52
C ALA A 105 -20.35 -4.06 -8.87
N ILE A 106 -19.60 -3.00 -9.23
CA ILE A 106 -18.31 -2.71 -8.61
C ILE A 106 -18.42 -1.34 -8.01
N LEU A 107 -18.25 -1.24 -6.69
CA LEU A 107 -18.33 0.03 -5.99
C LEU A 107 -16.95 0.66 -5.95
N THR A 108 -16.80 1.79 -6.66
CA THR A 108 -15.57 2.56 -6.69
C THR A 108 -15.93 3.99 -6.30
N THR A 109 -16.71 4.11 -5.18
CA THR A 109 -17.28 5.37 -4.74
C THR A 109 -16.35 6.24 -3.88
N GLY A 110 -15.13 5.77 -3.67
CA GLY A 110 -14.12 6.61 -3.04
C GLY A 110 -14.33 7.08 -1.62
N PHE A 111 -13.75 8.26 -1.33
CA PHE A 111 -13.67 8.78 0.03
C PHE A 111 -14.15 10.23 0.08
N SER A 112 -14.10 10.82 1.28
CA SER A 112 -14.41 12.23 1.48
C SER A 112 -13.23 12.91 2.14
N HIS A 113 -12.82 14.06 1.59
CA HIS A 113 -11.73 14.78 2.22
C HIS A 113 -12.12 15.20 3.62
N PHE A 114 -11.17 15.03 4.57
CA PHE A 114 -11.43 15.52 5.92
C PHE A 114 -11.59 17.04 5.87
N ASP A 115 -12.60 17.55 6.62
CA ASP A 115 -12.87 18.99 6.73
C ASP A 115 -12.21 19.45 8.04
N SER A 116 -11.15 20.28 7.87
CA SER A 116 -10.31 20.76 8.96
C SER A 116 -11.03 21.66 9.95
N VAL A 117 -12.28 22.07 9.62
CA VAL A 117 -13.09 22.77 10.62
C VAL A 117 -13.32 21.81 11.83
N ASN A 118 -13.14 20.46 11.63
CA ASN A 118 -13.32 19.45 12.67
C ASN A 118 -12.10 19.28 13.58
N LYS A 119 -11.03 20.06 13.34
CA LYS A 119 -9.84 20.08 14.19
C LYS A 119 -9.63 21.58 14.49
N PRO A 120 -10.60 22.22 15.17
CA PRO A 120 -10.56 23.69 15.32
C PRO A 120 -9.31 24.28 15.93
N GLU A 121 -8.65 23.53 16.82
CA GLU A 121 -7.48 24.09 17.47
C GLU A 121 -6.30 24.32 16.51
N TRP A 122 -6.33 23.68 15.32
CA TRP A 122 -5.26 23.86 14.36
C TRP A 122 -5.56 25.00 13.33
N GLY A 123 -6.60 25.79 13.58
CA GLY A 123 -6.85 27.07 12.95
C GLY A 123 -7.58 27.20 11.63
N PHE A 124 -8.02 26.09 11.04
CA PHE A 124 -8.72 26.21 9.77
C PHE A 124 -10.07 26.89 9.93
N GLY A 125 -10.32 27.87 9.06
CA GLY A 125 -11.56 28.66 9.10
C GLY A 125 -11.42 29.91 9.95
N MET A 126 -10.47 29.91 10.91
CA MET A 126 -10.17 31.04 11.80
C MET A 126 -9.29 32.05 11.07
N PHE A 127 -8.25 31.55 10.36
CA PHE A 127 -7.27 32.40 9.69
C PHE A 127 -7.16 32.03 8.22
N PRO A 128 -7.20 33.01 7.30
CA PRO A 128 -7.16 32.68 5.86
C PRO A 128 -5.89 31.99 5.41
N ASP A 129 -4.77 32.20 6.13
CA ASP A 129 -3.49 31.59 5.72
C ASP A 129 -3.27 30.20 6.29
N VAL A 130 -4.33 29.62 6.90
CA VAL A 130 -4.35 28.20 7.26
C VAL A 130 -5.04 27.54 6.09
N VAL A 131 -4.30 26.70 5.36
CA VAL A 131 -4.80 26.11 4.13
C VAL A 131 -4.70 24.60 4.18
N THR A 132 -5.46 23.90 3.33
CA THR A 132 -5.31 22.45 3.28
C THR A 132 -4.31 22.07 2.18
N THR A 133 -3.83 20.81 2.20
CA THR A 133 -3.01 20.31 1.10
C THR A 133 -3.78 20.45 -0.22
N THR A 134 -5.11 20.21 -0.22
N THR A 134 -5.10 20.21 -0.21
CA THR A 134 -5.90 20.36 -1.48
CA THR A 134 -5.91 20.34 -1.41
C THR A 134 -5.82 21.81 -2.00
C THR A 134 -5.82 21.78 -1.99
N GLN A 135 -5.85 22.81 -1.11
CA GLN A 135 -5.70 24.20 -1.57
C GLN A 135 -4.32 24.43 -2.20
N VAL A 136 -3.26 23.88 -1.61
CA VAL A 136 -1.90 24.03 -2.16
C VAL A 136 -1.80 23.32 -3.51
N GLU A 137 -2.36 22.09 -3.62
CA GLU A 137 -2.39 21.37 -4.91
C GLU A 137 -2.99 22.29 -5.97
N GLN A 138 -4.13 22.93 -5.64
CA GLN A 138 -4.85 23.81 -6.57
C GLN A 138 -4.06 25.08 -6.91
N MET A 139 -3.33 25.64 -5.92
CA MET A 139 -2.51 26.83 -6.21
C MET A 139 -1.46 26.47 -7.28
N ILE A 140 -0.87 25.27 -7.15
CA ILE A 140 0.15 24.83 -8.10
C ILE A 140 -0.47 24.41 -9.44
N SER A 141 -1.49 23.54 -9.41
CA SER A 141 -2.09 23.01 -10.66
C SER A 141 -2.73 24.06 -11.51
N SER A 142 -3.25 25.15 -10.90
CA SER A 142 -3.88 26.26 -11.66
C SER A 142 -2.82 27.18 -12.28
N GLY A 143 -1.57 27.03 -11.84
CA GLY A 143 -0.46 27.88 -12.26
C GLY A 143 -0.46 29.24 -11.56
N LYS A 144 -1.40 29.49 -10.65
CA LYS A 144 -1.48 30.76 -9.91
C LYS A 144 -0.28 30.91 -8.94
N GLY A 145 0.17 29.78 -8.40
CA GLY A 145 1.30 29.78 -7.48
C GLY A 145 0.86 29.82 -6.03
N VAL A 146 1.79 29.45 -5.15
CA VAL A 146 1.55 29.40 -3.72
C VAL A 146 1.60 30.83 -3.15
N ARG A 147 0.45 31.31 -2.66
CA ARG A 147 0.35 32.67 -2.11
C ARG A 147 -0.55 32.67 -0.88
N CYS A 148 -0.26 33.57 0.07
CA CYS A 148 -1.11 33.77 1.25
C CYS A 148 -2.46 34.33 0.80
N LEU A 149 -3.55 33.84 1.39
CA LEU A 149 -4.88 34.35 1.05
C LEU A 149 -5.13 35.71 1.71
N SER A 150 -4.46 35.97 2.84
CA SER A 150 -4.65 37.24 3.57
C SER A 150 -4.32 38.47 2.71
N ASP A 151 -3.16 38.44 2.02
CA ASP A 151 -2.74 39.62 1.22
C ASP A 151 -2.12 39.27 -0.13
N GLY A 152 -2.13 38.00 -0.50
CA GLY A 152 -1.59 37.55 -1.77
C GLY A 152 -0.08 37.46 -1.85
N ARG A 153 0.63 37.68 -0.73
CA ARG A 153 2.10 37.61 -0.74
C ARG A 153 2.62 36.18 -0.92
N LYS A 154 3.87 36.05 -1.38
CA LYS A 154 4.53 34.76 -1.42
C LYS A 154 4.97 34.48 0.03
N PRO A 155 4.63 33.31 0.60
CA PRO A 155 5.10 33.03 1.97
C PRO A 155 6.60 32.84 2.01
N LYS A 156 7.22 33.29 3.10
CA LYS A 156 8.67 33.08 3.30
C LYS A 156 8.87 31.89 4.24
N ARG A 157 7.85 31.57 5.09
CA ARG A 157 7.92 30.43 6.02
C ARG A 157 6.60 29.67 5.96
N VAL A 158 6.68 28.36 5.63
CA VAL A 158 5.48 27.51 5.55
C VAL A 158 5.67 26.34 6.50
N ALA A 159 4.62 26.03 7.27
CA ALA A 159 4.60 24.85 8.12
C ALA A 159 3.58 23.90 7.51
N ILE A 160 3.89 22.59 7.47
CA ILE A 160 2.92 21.61 7.06
C ILE A 160 2.68 20.74 8.30
N LEU A 161 1.42 20.66 8.75
CA LEU A 161 1.07 19.82 9.91
C LEU A 161 0.57 18.50 9.37
N LEU A 162 1.23 17.40 9.78
CA LEU A 162 0.75 16.11 9.35
C LEU A 162 -0.36 15.58 10.25
N CYS A 163 -1.06 14.58 9.74
CA CYS A 163 -2.10 13.87 10.50
C CYS A 163 -3.29 14.76 10.86
N VAL A 164 -3.72 15.62 9.93
CA VAL A 164 -4.90 16.43 10.24
C VAL A 164 -6.15 15.62 9.90
N GLY A 165 -6.87 15.21 10.93
CA GLY A 165 -8.04 14.38 10.71
C GLY A 165 -7.73 12.90 10.60
N SER A 166 -6.54 12.51 11.05
CA SER A 166 -6.12 11.10 11.09
C SER A 166 -5.37 10.86 12.38
N ARG A 167 -5.24 9.57 12.78
CA ARG A 167 -4.51 9.17 13.99
C ARG A 167 -4.94 10.04 15.18
N ASP A 168 -6.25 10.25 15.29
CA ASP A 168 -6.83 11.15 16.28
C ASP A 168 -8.08 10.51 16.89
N ARG A 169 -7.89 9.71 17.97
CA ARG A 169 -8.98 9.02 18.67
C ARG A 169 -10.06 10.00 19.15
N GLN A 170 -9.65 11.19 19.63
CA GLN A 170 -10.57 12.20 20.18
C GLN A 170 -11.64 12.67 19.20
N ILE A 171 -11.36 12.62 17.88
CA ILE A 171 -12.35 13.03 16.89
C ILE A 171 -12.85 11.82 16.08
N GLY A 172 -12.68 10.61 16.63
CA GLY A 172 -13.16 9.35 16.05
C GLY A 172 -12.50 8.96 14.75
N ARG A 173 -11.23 9.37 14.56
CA ARG A 173 -10.51 9.09 13.30
C ARG A 173 -9.20 8.40 13.61
N GLU A 174 -9.30 7.12 13.96
CA GLU A 174 -8.19 6.31 14.44
C GLU A 174 -7.21 5.89 13.39
N TRP A 175 -7.66 5.83 12.12
CA TRP A 175 -6.82 5.35 11.04
C TRP A 175 -5.69 6.29 10.68
N CYS A 176 -4.71 5.74 9.98
CA CYS A 176 -3.68 6.53 9.31
C CYS A 176 -4.14 6.66 7.85
N SER A 177 -4.13 7.89 7.30
CA SER A 177 -4.60 8.14 5.96
C SER A 177 -3.60 7.82 4.86
N LYS A 178 -2.46 7.19 5.21
CA LYS A 178 -1.54 6.44 4.37
C LYS A 178 -0.69 7.19 3.37
N ILE A 179 -1.29 8.13 2.64
CA ILE A 179 -0.53 8.79 1.56
C ILE A 179 -0.14 10.21 1.88
N CYS A 180 -0.69 10.78 2.98
CA CYS A 180 -0.44 12.20 3.27
C CYS A 180 1.03 12.53 3.60
N CYS A 181 1.80 11.58 4.15
CA CYS A 181 3.22 11.88 4.44
C CYS A 181 3.90 12.14 3.11
N THR A 182 3.70 11.21 2.14
CA THR A 182 4.39 11.32 0.86
C THR A 182 3.85 12.51 0.08
N VAL A 183 2.52 12.69 0.10
CA VAL A 183 1.95 13.89 -0.57
C VAL A 183 2.52 15.19 0.01
N SER A 184 2.69 15.25 1.36
CA SER A 184 3.25 16.45 1.97
C SER A 184 4.70 16.69 1.55
N ALA A 185 5.49 15.59 1.50
CA ALA A 185 6.89 15.73 1.04
C ALA A 185 6.91 16.23 -0.41
N ASN A 186 6.01 15.70 -1.25
CA ASN A 186 5.91 16.12 -2.65
C ASN A 186 5.54 17.60 -2.73
N LEU A 187 4.47 17.99 -2.01
CA LEU A 187 4.04 19.40 -2.02
C LEU A 187 5.13 20.31 -1.49
N ALA A 188 5.88 19.86 -0.46
CA ALA A 188 6.96 20.71 0.08
C ALA A 188 8.02 20.96 -1.01
N MET A 189 8.37 19.91 -1.81
CA MET A 189 9.33 20.07 -2.90
C MET A 189 8.77 21.01 -3.96
N GLU A 190 7.47 20.88 -4.29
CA GLU A 190 6.89 21.77 -5.30
C GLU A 190 6.85 23.23 -4.82
N ILE A 191 6.57 23.45 -3.52
CA ILE A 191 6.59 24.81 -2.97
C ILE A 191 8.01 25.37 -3.10
N ARG A 192 9.02 24.55 -2.72
CA ARG A 192 10.42 24.98 -2.75
C ARG A 192 10.90 25.27 -4.17
N GLU A 193 10.40 24.51 -5.14
CA GLU A 193 10.78 24.73 -6.55
C GLU A 193 10.22 26.07 -7.03
N GLU A 194 8.98 26.40 -6.64
CA GLU A 194 8.40 27.69 -7.08
C GLU A 194 8.99 28.87 -6.29
N LEU A 195 9.21 28.67 -5.00
CA LEU A 195 9.63 29.72 -4.07
C LEU A 195 10.98 29.38 -3.42
N PRO A 196 12.10 29.64 -4.13
CA PRO A 196 13.43 29.28 -3.57
C PRO A 196 13.81 29.95 -2.25
N ASP A 197 13.16 31.07 -1.91
CA ASP A 197 13.44 31.78 -0.66
C ASP A 197 12.47 31.36 0.46
N CYS A 198 11.57 30.38 0.19
CA CYS A 198 10.61 29.95 1.19
C CYS A 198 11.14 28.75 1.99
N HIS A 199 11.10 28.84 3.33
CA HIS A 199 11.54 27.76 4.22
C HIS A 199 10.31 26.91 4.54
N VAL A 200 10.41 25.59 4.32
CA VAL A 200 9.27 24.69 4.57
C VAL A 200 9.63 23.72 5.70
N TYR A 201 8.76 23.65 6.71
CA TYR A 201 8.91 22.78 7.88
C TYR A 201 7.74 21.86 7.98
N ILE A 202 8.00 20.55 8.21
CA ILE A 202 6.95 19.56 8.33
C ILE A 202 6.96 19.04 9.76
N TYR A 203 5.83 19.20 10.46
CA TYR A 203 5.69 18.77 11.86
C TYR A 203 4.96 17.44 11.88
N TYR A 204 5.64 16.42 12.43
CA TYR A 204 5.13 15.06 12.34
C TYR A 204 5.11 14.28 13.63
N MET A 205 4.38 13.16 13.58
CA MET A 205 4.36 12.14 14.64
C MET A 205 5.24 10.98 14.13
N ASP A 206 5.02 10.51 12.89
CA ASP A 206 5.90 9.57 12.23
C ASP A 206 5.96 10.02 10.80
N ILE A 207 7.07 9.75 10.11
CA ILE A 207 7.13 9.91 8.66
C ILE A 207 6.91 8.53 8.10
N ARG A 208 5.90 8.41 7.22
CA ARG A 208 5.47 7.12 6.64
C ARG A 208 5.61 7.08 5.10
N THR A 209 6.82 7.40 4.60
CA THR A 209 7.13 7.31 3.18
C THR A 209 7.62 5.89 2.91
N PHE A 210 6.65 4.94 2.90
CA PHE A 210 6.99 3.53 2.77
C PHE A 210 7.46 3.13 1.36
N GLY A 211 8.04 1.94 1.24
CA GLY A 211 8.45 1.41 -0.04
C GLY A 211 9.45 2.30 -0.77
N HIS A 212 9.17 2.54 -2.07
CA HIS A 212 10.05 3.38 -2.88
C HIS A 212 9.94 4.86 -2.55
N TYR A 213 8.96 5.24 -1.73
CA TYR A 213 8.78 6.65 -1.41
C TYR A 213 9.86 7.17 -0.48
N GLU A 214 10.56 6.26 0.23
CA GLU A 214 11.58 6.69 1.18
C GLU A 214 12.68 7.50 0.50
N SER A 215 13.33 6.93 -0.54
CA SER A 215 14.37 7.75 -1.11
C SER A 215 13.84 8.81 -2.09
N ASP A 216 12.75 8.49 -2.81
CA ASP A 216 12.24 9.42 -3.83
C ASP A 216 11.57 10.67 -3.27
N TYR A 217 11.06 10.58 -2.04
CA TYR A 217 10.34 11.69 -1.44
C TYR A 217 10.93 12.14 -0.11
N TYR A 218 11.11 11.22 0.85
CA TYR A 218 11.62 11.69 2.12
C TYR A 218 13.06 12.20 2.00
N TRP A 219 13.95 11.36 1.45
N TRP A 219 13.97 11.36 1.49
CA TRP A 219 15.35 11.75 1.30
CA TRP A 219 15.36 11.84 1.44
C TRP A 219 15.52 12.95 0.40
C TRP A 219 15.54 12.98 0.41
N ARG A 220 14.92 12.85 -0.79
CA ARG A 220 15.04 13.88 -1.81
C ARG A 220 14.53 15.25 -1.29
N SER A 221 13.41 15.24 -0.52
CA SER A 221 12.88 16.52 -0.03
C SER A 221 13.88 17.20 0.86
N GLN A 222 14.67 16.42 1.61
CA GLN A 222 15.67 17.00 2.50
C GLN A 222 16.95 17.41 1.77
N GLU A 223 17.50 16.47 0.99
CA GLU A 223 18.79 16.70 0.34
C GLU A 223 18.76 17.63 -0.86
N GLU A 224 17.75 17.53 -1.72
CA GLU A 224 17.66 18.41 -2.89
C GLU A 224 16.90 19.71 -2.56
N PHE A 225 15.85 19.62 -1.74
CA PHE A 225 14.99 20.76 -1.49
C PHE A 225 15.07 21.39 -0.08
N LYS A 226 15.92 20.87 0.81
CA LYS A 226 16.15 21.45 2.14
C LYS A 226 14.88 21.61 2.96
N VAL A 227 13.94 20.65 2.78
CA VAL A 227 12.75 20.63 3.62
C VAL A 227 13.16 20.15 5.00
N LYS A 228 12.64 20.80 6.05
CA LYS A 228 12.97 20.45 7.45
C LYS A 228 11.85 19.64 8.06
N TYR A 229 12.21 18.62 8.86
CA TYR A 229 11.23 17.74 9.49
C TYR A 229 11.45 17.81 10.99
N ILE A 230 10.38 18.10 11.73
CA ILE A 230 10.48 18.21 13.21
C ILE A 230 9.41 17.32 13.82
N LYS A 231 9.83 16.38 14.69
N LYS A 231 9.83 16.39 14.69
CA LYS A 231 8.88 15.50 15.37
CA LYS A 231 8.91 15.51 15.38
C LYS A 231 8.28 16.32 16.50
C LYS A 231 8.29 16.33 16.50
N ALA A 232 6.97 16.55 16.43
CA ALA A 232 6.28 17.36 17.44
C ALA A 232 4.80 17.03 17.54
N ARG A 233 4.24 17.18 18.76
CA ARG A 233 2.81 17.04 18.97
C ARG A 233 2.30 18.49 18.97
N ILE A 234 1.61 18.89 17.91
CA ILE A 234 1.09 20.24 17.78
C ILE A 234 -0.14 20.44 18.63
N ALA A 235 -0.14 21.48 19.48
CA ALA A 235 -1.26 21.78 20.33
C ALA A 235 -2.25 22.69 19.58
N GLU A 236 -1.74 23.76 18.97
CA GLU A 236 -2.64 24.70 18.29
C GLU A 236 -1.91 25.60 17.34
N VAL A 237 -2.70 26.29 16.52
CA VAL A 237 -2.24 27.34 15.61
C VAL A 237 -2.98 28.59 16.01
N THR A 238 -2.24 29.67 16.26
CA THR A 238 -2.85 30.93 16.64
C THR A 238 -2.31 32.03 15.75
N SER A 239 -2.69 33.29 16.01
CA SER A 239 -2.20 34.42 15.27
C SER A 239 -1.76 35.50 16.24
N ASP A 240 -0.68 36.22 15.90
CA ASP A 240 -0.22 37.34 16.73
C ASP A 240 -0.59 38.64 16.02
N GLY A 241 -1.40 38.51 14.97
CA GLY A 241 -1.86 39.62 14.15
C GLY A 241 -1.01 39.89 12.92
N LYS A 242 0.21 39.32 12.85
CA LYS A 242 1.14 39.51 11.74
C LYS A 242 1.51 38.17 11.10
N GLN A 243 1.69 37.15 11.94
CA GLN A 243 2.10 35.80 11.53
C GLN A 243 1.19 34.77 12.19
N LEU A 244 1.22 33.55 11.68
CA LEU A 244 0.56 32.44 12.34
C LEU A 244 1.59 31.83 13.28
N ILE A 245 1.15 31.28 14.42
CA ILE A 245 2.06 30.71 15.39
C ILE A 245 1.71 29.26 15.57
N VAL A 246 2.68 28.36 15.38
CA VAL A 246 2.49 26.91 15.56
C VAL A 246 3.00 26.63 16.98
N LYS A 247 2.13 26.12 17.87
CA LYS A 247 2.48 25.85 19.27
C LYS A 247 2.42 24.36 19.52
N GLY A 248 3.49 23.83 20.10
CA GLY A 248 3.49 22.41 20.39
C GLY A 248 4.56 21.97 21.36
N GLU A 249 4.76 20.66 21.38
CA GLU A 249 5.69 19.98 22.25
C GLU A 249 6.68 19.24 21.35
N ASP A 250 7.98 19.63 21.41
CA ASP A 250 9.07 19.04 20.63
C ASP A 250 9.35 17.63 21.12
N THR A 251 9.28 16.63 20.19
CA THR A 251 9.47 15.17 20.27
C THR A 251 8.12 14.51 20.67
N LEU A 252 8.10 13.68 21.74
CA LEU A 252 6.88 13.01 22.24
C LEU A 252 6.57 13.44 23.69
N VAL A 253 7.48 14.23 24.31
CA VAL A 253 7.33 14.77 25.67
C VAL A 253 6.62 16.15 25.64
N LYS A 254 6.94 17.07 26.57
CA LYS A 254 6.32 18.39 26.67
C LYS A 254 7.33 19.56 26.60
N ARG A 255 8.26 19.53 25.60
CA ARG A 255 9.24 20.61 25.42
C ARG A 255 8.55 21.72 24.59
N PRO A 256 8.22 22.89 25.18
CA PRO A 256 7.46 23.90 24.44
C PRO A 256 8.14 24.48 23.22
N ILE A 257 7.37 24.63 22.12
CA ILE A 257 7.76 25.26 20.86
C ILE A 257 6.68 26.25 20.44
N THR A 258 7.10 27.44 20.01
CA THR A 258 6.25 28.56 19.58
C THR A 258 6.99 29.11 18.35
N ILE A 259 6.55 28.68 17.14
CA ILE A 259 7.26 29.06 15.92
C ILE A 259 6.37 29.87 14.96
N PRO A 260 6.87 31.02 14.41
CA PRO A 260 6.04 31.84 13.50
C PRO A 260 6.10 31.40 12.04
N PHE A 261 4.98 31.54 11.31
CA PHE A 261 4.88 31.16 9.89
C PHE A 261 3.97 32.11 9.11
N ASP A 262 4.17 32.19 7.78
CA ASP A 262 3.28 32.93 6.91
C ASP A 262 2.09 32.10 6.50
N MET A 263 2.29 30.78 6.30
CA MET A 263 1.23 29.89 5.85
C MET A 263 1.37 28.59 6.63
N VAL A 264 0.22 28.01 7.01
CA VAL A 264 0.21 26.73 7.70
C VAL A 264 -0.65 25.84 6.84
N VAL A 265 -0.10 24.71 6.40
CA VAL A 265 -0.77 23.74 5.53
C VAL A 265 -1.21 22.54 6.37
N HIS A 266 -2.44 22.06 6.16
CA HIS A 266 -2.95 20.88 6.87
C HIS A 266 -2.93 19.69 5.94
N ALA A 267 -2.23 18.61 6.31
CA ALA A 267 -2.24 17.36 5.56
C ALA A 267 -3.49 16.59 5.98
N ILE A 268 -4.62 16.96 5.34
CA ILE A 268 -5.94 16.41 5.66
C ILE A 268 -6.06 14.93 5.28
N GLY A 269 -6.78 14.21 6.14
CA GLY A 269 -6.97 12.79 5.96
C GLY A 269 -8.08 12.41 5.00
N MET A 270 -8.19 11.09 4.78
N MET A 270 -8.18 11.09 4.78
CA MET A 270 -9.17 10.51 3.87
CA MET A 270 -9.18 10.53 3.88
C MET A 270 -10.29 9.87 4.68
C MET A 270 -10.28 9.88 4.70
N ASP A 271 -11.36 10.64 4.95
CA ASP A 271 -12.51 10.12 5.70
C ASP A 271 -13.27 9.12 4.81
N PRO A 272 -14.05 8.23 5.41
CA PRO A 272 -14.95 7.42 4.58
C PRO A 272 -15.90 8.36 3.82
N ASN A 273 -16.36 7.94 2.64
CA ASN A 273 -17.30 8.71 1.86
C ASN A 273 -18.54 9.02 2.72
N VAL A 274 -18.94 10.30 2.75
CA VAL A 274 -20.14 10.68 3.49
C VAL A 274 -21.39 9.92 3.03
N ASP A 275 -21.37 9.39 1.78
CA ASP A 275 -22.51 8.63 1.24
C ASP A 275 -22.48 7.16 1.61
N ASN A 276 -21.47 6.68 2.37
CA ASN A 276 -21.39 5.24 2.63
C ASN A 276 -22.60 4.62 3.35
N MET A 277 -23.27 5.35 4.26
N MET A 277 -23.27 5.35 4.26
CA MET A 277 -24.44 4.74 4.91
CA MET A 277 -24.44 4.74 4.90
C MET A 277 -25.56 4.51 3.90
C MET A 277 -25.56 4.50 3.89
N THR A 278 -25.74 5.45 2.96
CA THR A 278 -26.74 5.33 1.90
C THR A 278 -26.35 4.22 0.91
N ILE A 279 -25.07 4.19 0.47
CA ILE A 279 -24.60 3.16 -0.44
C ILE A 279 -24.78 1.79 0.20
N SER A 280 -24.44 1.66 1.51
CA SER A 280 -24.59 0.39 2.24
C SER A 280 -26.06 -0.06 2.20
N ALA A 281 -26.99 0.87 2.46
CA ALA A 281 -28.41 0.52 2.48
C ALA A 281 -28.92 0.12 1.10
N ILE A 282 -28.49 0.87 0.06
CA ILE A 282 -28.96 0.61 -1.30
C ILE A 282 -28.43 -0.71 -1.86
N PHE A 283 -27.13 -0.93 -1.70
CA PHE A 283 -26.51 -2.14 -2.25
C PHE A 283 -26.56 -3.33 -1.33
N GLY A 284 -26.91 -3.14 -0.07
CA GLY A 284 -26.98 -4.23 0.89
C GLY A 284 -25.61 -4.80 1.20
N VAL A 285 -24.60 -3.90 1.38
CA VAL A 285 -23.23 -4.29 1.68
C VAL A 285 -22.84 -3.80 3.05
N GLU A 286 -22.07 -4.60 3.76
CA GLU A 286 -21.60 -4.23 5.10
C GLU A 286 -20.55 -3.15 5.08
N LEU A 287 -20.53 -2.37 6.17
CA LEU A 287 -19.50 -1.36 6.36
C LEU A 287 -18.48 -1.85 7.36
N HIS A 288 -17.24 -1.33 7.20
CA HIS A 288 -16.14 -1.52 8.13
C HIS A 288 -16.49 -0.73 9.40
N LYS A 289 -15.92 -1.11 10.55
CA LYS A 289 -16.20 -0.42 11.83
C LYS A 289 -15.95 1.09 11.78
N HIS A 290 -15.04 1.54 10.90
CA HIS A 290 -14.72 2.96 10.79
C HIS A 290 -15.51 3.65 9.67
N GLY A 291 -16.44 2.95 9.01
CA GLY A 291 -17.35 3.61 8.07
C GLY A 291 -17.09 3.41 6.60
N TYR A 292 -15.94 2.77 6.28
CA TYR A 292 -15.59 2.46 4.89
C TYR A 292 -16.43 1.25 4.44
N ILE A 293 -16.41 0.94 3.13
N ILE A 293 -16.40 0.93 3.12
CA ILE A 293 -17.15 -0.24 2.65
CA ILE A 293 -17.12 -0.22 2.59
C ILE A 293 -16.27 -1.46 2.92
C ILE A 293 -16.26 -1.47 2.90
N ALA A 294 -16.84 -2.50 3.55
CA ALA A 294 -16.02 -3.67 3.92
C ALA A 294 -15.68 -4.53 2.73
N ARG A 295 -14.47 -5.11 2.78
CA ARG A 295 -13.98 -6.03 1.76
C ARG A 295 -13.65 -7.34 2.44
N LYS A 296 -13.96 -8.47 1.78
CA LYS A 296 -13.57 -9.78 2.34
C LYS A 296 -12.01 -9.93 2.20
N ASP A 297 -11.45 -10.95 2.87
CA ASP A 297 -10.01 -11.17 2.76
C ASP A 297 -9.60 -11.49 1.30
N THR A 298 -8.35 -11.11 0.96
CA THR A 298 -7.92 -11.20 -0.45
C THR A 298 -7.62 -12.59 -0.90
N TYR A 299 -7.47 -13.56 0.04
CA TYR A 299 -7.06 -14.91 -0.36
C TYR A 299 -8.17 -15.68 -1.04
N GLY A 300 -9.40 -15.19 -0.85
CA GLY A 300 -10.59 -15.86 -1.37
C GLY A 300 -10.99 -15.27 -2.70
N LEU A 301 -11.90 -14.28 -2.69
CA LEU A 301 -12.31 -13.61 -3.92
C LEU A 301 -11.90 -12.14 -3.80
N MET A 302 -10.95 -11.73 -4.64
CA MET A 302 -10.38 -10.41 -4.55
C MET A 302 -11.42 -9.32 -4.84
N GLY A 303 -11.60 -8.41 -3.90
CA GLY A 303 -12.53 -7.30 -4.06
C GLY A 303 -13.97 -7.63 -3.66
N ALA A 304 -14.22 -8.84 -3.16
CA ALA A 304 -15.59 -9.15 -2.74
C ALA A 304 -16.06 -8.30 -1.55
N THR A 305 -17.33 -7.86 -1.61
CA THR A 305 -17.99 -7.24 -0.46
C THR A 305 -18.70 -8.37 0.29
N SER A 306 -19.52 -8.00 1.29
CA SER A 306 -20.33 -9.01 2.00
C SER A 306 -21.44 -9.61 1.11
N ARG A 307 -21.76 -8.94 -0.02
CA ARG A 307 -22.85 -9.40 -0.87
C ARG A 307 -22.36 -10.09 -2.14
N PRO A 308 -22.85 -11.32 -2.45
CA PRO A 308 -22.43 -11.98 -3.71
C PRO A 308 -22.79 -11.09 -4.91
N GLY A 309 -21.84 -10.97 -5.84
CA GLY A 309 -22.06 -10.20 -7.06
C GLY A 309 -21.77 -8.72 -6.92
N VAL A 310 -21.38 -8.26 -5.72
CA VAL A 310 -21.02 -6.84 -5.50
C VAL A 310 -19.57 -6.80 -5.03
N PHE A 311 -18.75 -5.99 -5.73
CA PHE A 311 -17.31 -5.88 -5.47
C PHE A 311 -16.99 -4.44 -5.08
N VAL A 312 -15.78 -4.24 -4.52
CA VAL A 312 -15.39 -2.91 -4.07
C VAL A 312 -13.87 -2.75 -4.34
N ALA A 313 -13.48 -1.52 -4.67
CA ALA A 313 -12.06 -1.28 -4.96
C ALA A 313 -11.72 0.15 -4.64
N GLY A 314 -10.48 0.36 -4.23
CA GLY A 314 -9.92 1.69 -4.02
C GLY A 314 -10.19 2.28 -2.65
N SER A 315 -10.27 3.62 -2.61
CA SER A 315 -10.41 4.35 -1.34
C SER A 315 -11.79 4.16 -0.69
N ALA A 316 -12.71 3.48 -1.39
CA ALA A 316 -13.99 3.15 -0.74
C ALA A 316 -13.70 2.27 0.49
N ILE A 317 -12.62 1.42 0.44
CA ILE A 317 -12.33 0.46 1.50
C ILE A 317 -11.54 1.07 2.66
N GLY A 318 -10.85 2.18 2.38
CA GLY A 318 -10.01 2.81 3.39
C GLY A 318 -9.08 3.80 2.72
N PRO A 319 -8.34 4.59 3.50
CA PRO A 319 -7.37 5.50 2.87
C PRO A 319 -6.48 4.70 1.91
N GLU A 320 -6.31 5.23 0.68
CA GLU A 320 -5.63 4.46 -0.33
C GLU A 320 -4.96 5.33 -1.37
N THR A 321 -3.90 4.79 -1.98
CA THR A 321 -3.15 5.50 -3.02
C THR A 321 -3.83 5.26 -4.37
N ILE A 322 -3.42 6.06 -5.36
CA ILE A 322 -3.95 5.91 -6.70
C ILE A 322 -3.45 4.60 -7.33
N ASP A 323 -2.16 4.29 -7.21
CA ASP A 323 -1.68 3.06 -7.83
C ASP A 323 -2.37 1.84 -7.25
N ASP A 324 -2.60 1.84 -5.91
CA ASP A 324 -3.25 0.68 -5.31
C ASP A 324 -4.74 0.64 -5.70
N SER A 325 -5.38 1.84 -5.82
CA SER A 325 -6.80 1.86 -6.19
C SER A 325 -6.96 1.32 -7.61
N ILE A 326 -6.04 1.71 -8.52
CA ILE A 326 -6.14 1.21 -9.90
C ILE A 326 -5.94 -0.30 -9.92
N ALA A 327 -4.95 -0.81 -9.15
CA ALA A 327 -4.74 -2.28 -9.16
C ALA A 327 -6.01 -3.00 -8.62
N GLN A 328 -6.57 -2.45 -7.53
CA GLN A 328 -7.76 -3.06 -6.91
C GLN A 328 -8.95 -3.04 -7.87
N ALA A 329 -9.07 -1.94 -8.66
CA ALA A 329 -10.21 -1.85 -9.58
C ALA A 329 -10.09 -2.86 -10.71
N ASN A 330 -8.85 -3.02 -11.25
CA ASN A 330 -8.65 -4.04 -12.29
C ASN A 330 -8.93 -5.43 -11.68
N ALA A 331 -8.49 -5.65 -10.43
CA ALA A 331 -8.71 -6.94 -9.80
C ALA A 331 -10.19 -7.22 -9.56
N ALA A 332 -10.96 -6.18 -9.15
CA ALA A 332 -12.40 -6.36 -8.93
C ALA A 332 -13.09 -6.64 -10.26
N ALA A 333 -12.59 -6.02 -11.36
CA ALA A 333 -13.16 -6.30 -12.67
C ALA A 333 -12.92 -7.81 -13.03
N MET A 334 -11.72 -8.31 -12.70
N MET A 334 -11.72 -8.35 -12.74
CA MET A 334 -11.29 -9.70 -12.90
CA MET A 334 -11.44 -9.78 -13.00
C MET A 334 -12.22 -10.66 -12.12
C MET A 334 -12.43 -10.63 -12.18
N SER A 335 -12.58 -10.27 -10.89
CA SER A 335 -13.50 -11.06 -10.06
C SER A 335 -14.93 -11.00 -10.60
N ALA A 336 -15.37 -9.82 -11.06
CA ALA A 336 -16.73 -9.72 -11.60
C ALA A 336 -16.88 -10.57 -12.85
N LEU A 337 -15.81 -10.64 -13.67
CA LEU A 337 -15.86 -11.47 -14.89
C LEU A 337 -16.02 -12.95 -14.56
N SER A 338 -15.51 -13.40 -13.40
CA SER A 338 -15.58 -14.80 -12.99
C SER A 338 -17.02 -15.28 -12.77
N LEU A 339 -17.99 -14.35 -12.59
CA LEU A 339 -19.40 -14.73 -12.40
C LEU A 339 -20.06 -15.32 -13.64
N GLY A 340 -19.46 -15.12 -14.81
CA GLY A 340 -19.99 -15.61 -16.09
C GLY A 340 -19.67 -17.06 -16.40
N ARG A 341 -18.61 -17.59 -15.74
CA ARG A 341 -18.09 -18.97 -15.85
C ARG A 341 -17.48 -19.25 -17.22
N LYS B 2 -3.53 -18.41 -26.59
CA LYS B 2 -2.59 -19.45 -26.13
C LYS B 2 -2.53 -19.38 -24.57
N PRO B 3 -1.94 -20.35 -23.80
CA PRO B 3 -1.87 -20.14 -22.35
C PRO B 3 -1.04 -18.91 -21.96
N ILE B 4 -1.26 -18.41 -20.76
CA ILE B 4 -0.47 -17.31 -20.23
C ILE B 4 0.57 -17.94 -19.29
N LEU B 5 1.82 -17.54 -19.44
CA LEU B 5 2.92 -18.02 -18.60
C LEU B 5 2.98 -17.18 -17.34
N VAL B 6 2.93 -17.82 -16.16
CA VAL B 6 3.04 -17.11 -14.88
C VAL B 6 4.28 -17.67 -14.19
N VAL B 7 5.20 -16.79 -13.79
CA VAL B 7 6.50 -17.21 -13.22
C VAL B 7 6.59 -16.82 -11.75
N GLY B 8 6.67 -17.84 -10.89
CA GLY B 8 6.71 -17.63 -9.44
C GLY B 8 5.37 -17.95 -8.80
N GLY B 9 5.35 -19.00 -7.98
CA GLY B 9 4.13 -19.50 -7.35
C GLY B 9 3.87 -19.08 -5.92
N GLY B 10 4.15 -17.82 -5.60
CA GLY B 10 3.82 -17.28 -4.29
C GLY B 10 2.42 -16.69 -4.35
N PRO B 11 2.03 -15.90 -3.34
CA PRO B 11 0.68 -15.29 -3.34
C PRO B 11 0.29 -14.66 -4.67
N ALA B 12 1.21 -13.88 -5.26
CA ALA B 12 0.88 -13.22 -6.53
C ALA B 12 0.64 -14.26 -7.69
N GLY B 13 1.56 -15.22 -7.89
CA GLY B 13 1.37 -16.18 -8.97
C GLY B 13 0.14 -17.05 -8.76
N LEU B 14 -0.10 -17.40 -7.48
CA LEU B 14 -1.27 -18.22 -7.15
C LEU B 14 -2.56 -17.44 -7.48
N ALA B 15 -2.56 -16.12 -7.19
CA ALA B 15 -3.74 -15.30 -7.47
C ALA B 15 -3.93 -15.13 -8.99
N ALA B 16 -2.83 -14.88 -9.73
CA ALA B 16 -2.99 -14.64 -11.18
C ALA B 16 -3.51 -15.89 -11.88
N THR B 17 -2.92 -17.07 -11.58
CA THR B 17 -3.34 -18.29 -12.27
C THR B 17 -4.79 -18.62 -11.95
N HIS B 18 -5.17 -18.51 -10.67
CA HIS B 18 -6.57 -18.81 -10.30
C HIS B 18 -7.53 -17.85 -11.00
N ALA B 19 -7.20 -16.55 -11.01
CA ALA B 19 -8.09 -15.56 -11.64
C ALA B 19 -8.28 -15.86 -13.13
N LEU B 20 -7.19 -16.26 -13.80
CA LEU B 20 -7.27 -16.61 -15.23
C LEU B 20 -8.14 -17.85 -15.44
N ALA B 21 -7.91 -18.88 -14.62
CA ALA B 21 -8.69 -20.12 -14.74
C ALA B 21 -10.19 -19.80 -14.53
N ASN B 22 -10.51 -18.87 -13.61
CA ASN B 22 -11.92 -18.51 -13.34
C ASN B 22 -12.64 -17.82 -14.49
N VAL B 23 -11.89 -17.38 -15.52
CA VAL B 23 -12.48 -16.83 -16.73
C VAL B 23 -12.21 -17.75 -17.95
N GLY B 24 -11.76 -18.98 -17.68
CA GLY B 24 -11.53 -19.99 -18.72
C GLY B 24 -10.26 -19.83 -19.50
N GLN B 25 -9.30 -19.07 -18.97
CA GLN B 25 -8.03 -18.88 -19.68
C GLN B 25 -6.95 -19.78 -19.06
N PRO B 26 -6.42 -20.73 -19.84
CA PRO B 26 -5.37 -21.60 -19.27
C PRO B 26 -4.07 -20.87 -18.98
N SER B 27 -3.29 -21.39 -18.03
CA SER B 27 -2.00 -20.82 -17.69
C SER B 27 -1.03 -21.92 -17.34
N VAL B 28 0.27 -21.57 -17.37
CA VAL B 28 1.34 -22.46 -16.97
C VAL B 28 2.07 -21.72 -15.87
N LEU B 29 2.17 -22.36 -14.69
CA LEU B 29 2.82 -21.74 -13.53
C LEU B 29 4.18 -22.38 -13.34
N VAL B 30 5.25 -21.58 -13.43
CA VAL B 30 6.63 -22.08 -13.29
C VAL B 30 7.16 -21.64 -11.94
N GLU B 31 7.52 -22.59 -11.09
CA GLU B 31 8.02 -22.30 -9.75
C GLU B 31 9.38 -22.98 -9.58
N LYS B 32 10.40 -22.21 -9.20
CA LYS B 32 11.76 -22.73 -9.03
C LYS B 32 11.92 -23.72 -7.87
N ARG B 33 11.16 -23.52 -6.78
CA ARG B 33 11.25 -24.38 -5.59
C ARG B 33 10.40 -25.63 -5.75
N ASP B 34 10.52 -26.55 -4.77
CA ASP B 34 9.80 -27.83 -4.82
C ASP B 34 8.31 -27.67 -4.57
N ARG B 35 7.92 -26.62 -3.83
CA ARG B 35 6.52 -26.39 -3.50
C ARG B 35 6.09 -24.99 -3.82
N LEU B 36 4.77 -24.82 -3.94
CA LEU B 36 4.14 -23.51 -4.12
C LEU B 36 3.90 -22.84 -2.76
N GLY B 37 3.53 -21.56 -2.81
CA GLY B 37 3.17 -20.83 -1.61
C GLY B 37 3.99 -19.58 -1.35
N GLY B 38 5.17 -19.51 -1.96
CA GLY B 38 6.02 -18.35 -1.77
C GLY B 38 6.51 -18.22 -0.34
N ALA B 39 6.97 -17.01 0.00
CA ALA B 39 7.57 -16.79 1.32
C ALA B 39 6.65 -17.15 2.47
N PRO B 40 5.33 -16.89 2.44
CA PRO B 40 4.53 -17.24 3.62
C PRO B 40 4.54 -18.72 3.95
N ILE B 41 4.71 -19.58 2.92
CA ILE B 41 4.74 -21.02 3.19
C ILE B 41 6.15 -21.46 3.43
N PHE B 42 7.10 -21.22 2.50
N PHE B 42 7.07 -21.14 2.51
CA PHE B 42 8.46 -21.75 2.75
CA PHE B 42 8.47 -21.55 2.59
C PHE B 42 9.12 -21.12 3.99
C PHE B 42 9.16 -21.05 3.86
N SER B 43 8.79 -19.87 4.33
CA SER B 43 9.34 -19.23 5.53
C SER B 43 8.49 -19.43 6.78
N GLY B 44 7.42 -20.22 6.67
CA GLY B 44 6.62 -20.58 7.85
C GLY B 44 5.99 -19.43 8.60
N TYR B 45 5.38 -18.49 7.86
CA TYR B 45 4.70 -17.40 8.56
C TYR B 45 3.58 -17.94 9.45
N ALA B 46 3.34 -17.24 10.55
CA ALA B 46 2.28 -17.58 11.51
C ALA B 46 1.01 -16.82 11.10
N LYS B 47 0.42 -15.99 11.97
CA LYS B 47 -0.79 -15.26 11.60
C LYS B 47 -0.41 -14.09 10.70
N LEU B 48 -1.19 -13.88 9.66
CA LEU B 48 -0.93 -12.83 8.72
C LEU B 48 -1.61 -11.55 9.14
N VAL B 49 -1.05 -10.44 8.69
CA VAL B 49 -1.73 -9.18 8.76
C VAL B 49 -2.36 -8.98 7.36
N PRO B 50 -3.57 -8.42 7.26
CA PRO B 50 -4.38 -7.86 8.36
C PRO B 50 -5.44 -8.80 8.88
N SER B 51 -5.52 -10.00 8.31
CA SER B 51 -6.63 -10.96 8.51
C SER B 51 -6.58 -11.66 9.86
N GLY B 52 -5.37 -11.86 10.39
CA GLY B 52 -5.21 -12.66 11.59
C GLY B 52 -5.31 -14.16 11.30
N ARG B 53 -5.36 -14.53 10.01
CA ARG B 53 -5.46 -15.96 9.70
C ARG B 53 -4.10 -16.58 9.59
N TRP B 54 -4.01 -17.87 9.92
CA TRP B 54 -2.73 -18.55 9.80
C TRP B 54 -2.32 -18.64 8.34
N ALA B 55 -1.06 -18.31 8.03
CA ALA B 55 -0.62 -18.38 6.62
C ALA B 55 -0.77 -19.79 6.05
N ASN B 56 -0.56 -20.83 6.86
CA ASN B 56 -0.69 -22.19 6.36
C ASN B 56 -2.11 -22.41 5.82
N GLU B 57 -3.11 -21.86 6.52
CA GLU B 57 -4.50 -22.00 6.06
C GLU B 57 -4.80 -21.03 4.92
N ALA B 58 -4.50 -19.73 5.11
CA ALA B 58 -4.85 -18.73 4.10
C ALA B 58 -4.14 -18.91 2.78
N ILE B 59 -2.81 -19.05 2.82
CA ILE B 59 -2.07 -19.23 1.57
C ILE B 59 -2.15 -20.70 1.15
N GLY B 60 -2.25 -21.62 2.12
CA GLY B 60 -2.42 -23.03 1.76
C GLY B 60 -3.65 -23.22 0.88
N GLY B 61 -4.73 -22.51 1.16
CA GLY B 61 -5.94 -22.63 0.35
C GLY B 61 -5.72 -22.08 -1.05
N MET B 62 -4.91 -21.02 -1.16
CA MET B 62 -4.62 -20.46 -2.50
C MET B 62 -3.82 -21.49 -3.32
N VAL B 63 -2.98 -22.29 -2.64
CA VAL B 63 -2.22 -23.36 -3.32
C VAL B 63 -3.18 -24.51 -3.67
N SER B 64 -3.97 -24.99 -2.68
N SER B 64 -3.94 -25.02 -2.69
CA SER B 64 -4.85 -26.12 -2.92
CA SER B 64 -4.75 -26.19 -2.94
C SER B 64 -5.77 -25.94 -4.10
C SER B 64 -5.83 -25.99 -4.03
N ARG B 65 -6.39 -24.75 -4.20
CA ARG B 65 -7.42 -24.53 -5.21
C ARG B 65 -6.87 -24.54 -6.63
N ILE B 66 -5.54 -24.34 -6.80
CA ILE B 66 -5.02 -24.40 -8.16
C ILE B 66 -4.42 -25.78 -8.48
N GLU B 67 -4.05 -26.56 -7.44
CA GLU B 67 -3.35 -27.82 -7.68
C GLU B 67 -4.17 -28.90 -8.37
N THR B 68 -5.50 -28.74 -8.38
CA THR B 68 -6.39 -29.70 -9.05
C THR B 68 -7.22 -28.99 -10.13
N ASP B 69 -6.87 -27.74 -10.50
CA ASP B 69 -7.59 -27.01 -11.53
C ASP B 69 -6.93 -27.36 -12.89
N SER B 70 -7.68 -28.07 -13.77
CA SER B 70 -7.13 -28.53 -15.03
C SER B 70 -6.75 -27.42 -16.02
N LEU B 71 -7.13 -26.17 -15.74
CA LEU B 71 -6.75 -25.06 -16.59
C LEU B 71 -5.38 -24.53 -16.23
N ILE B 72 -4.80 -25.00 -15.10
CA ILE B 72 -3.48 -24.52 -14.67
C ILE B 72 -2.51 -25.69 -14.71
N SER B 73 -1.41 -25.52 -15.46
CA SER B 73 -0.37 -26.55 -15.51
C SER B 73 0.78 -26.10 -14.61
N ILE B 74 0.99 -26.82 -13.50
CA ILE B 74 2.00 -26.42 -12.54
C ILE B 74 3.31 -27.13 -12.78
N LYS B 75 4.42 -26.36 -12.85
N LYS B 75 4.39 -26.35 -12.84
CA LYS B 75 5.77 -26.92 -13.04
CA LYS B 75 5.75 -26.86 -13.01
C LYS B 75 6.67 -26.45 -11.90
C LYS B 75 6.58 -26.39 -11.83
N THR B 76 6.77 -27.27 -10.83
CA THR B 76 7.64 -26.98 -9.69
C THR B 76 9.05 -27.46 -10.05
N ASN B 77 10.07 -27.03 -9.27
CA ASN B 77 11.49 -27.38 -9.51
C ASN B 77 11.91 -27.02 -10.94
N THR B 78 11.34 -25.91 -11.46
CA THR B 78 11.56 -25.52 -12.85
C THR B 78 11.77 -24.02 -12.95
N THR B 79 12.60 -23.59 -13.92
CA THR B 79 12.75 -22.16 -14.23
C THR B 79 12.58 -21.97 -15.74
N VAL B 80 12.38 -20.70 -16.16
CA VAL B 80 12.32 -20.36 -17.57
C VAL B 80 13.78 -20.08 -17.96
N VAL B 81 14.30 -20.81 -18.95
CA VAL B 81 15.70 -20.62 -19.34
C VAL B 81 15.83 -19.71 -20.57
N SER B 82 14.76 -19.62 -21.40
CA SER B 82 14.75 -18.71 -22.54
C SER B 82 13.32 -18.27 -22.85
N PHE B 83 13.21 -17.04 -23.36
CA PHE B 83 11.91 -16.45 -23.64
C PHE B 83 12.07 -15.57 -24.85
N ASP B 84 11.27 -15.80 -25.89
CA ASP B 84 11.42 -15.07 -27.15
C ASP B 84 10.07 -14.83 -27.78
N GLY B 85 10.00 -13.84 -28.66
CA GLY B 85 8.78 -13.61 -29.43
C GLY B 85 8.17 -12.26 -29.20
N ASP B 86 6.86 -12.18 -29.48
CA ASP B 86 6.09 -10.94 -29.36
C ASP B 86 4.72 -11.25 -28.78
N PRO B 87 3.93 -10.23 -28.35
CA PRO B 87 2.60 -10.52 -27.79
C PRO B 87 1.79 -11.46 -28.70
N ASN B 88 1.15 -12.48 -28.07
CA ASN B 88 0.36 -13.54 -28.73
C ASN B 88 1.21 -14.51 -29.51
N ASN B 89 2.55 -14.43 -29.36
CA ASN B 89 3.47 -15.25 -30.12
C ASN B 89 4.79 -15.41 -29.38
N PHE B 90 4.72 -15.79 -28.11
CA PHE B 90 5.91 -16.04 -27.34
C PHE B 90 6.21 -17.52 -27.24
N THR B 91 7.50 -17.86 -27.09
CA THR B 91 7.94 -19.22 -26.83
C THR B 91 8.82 -19.17 -25.60
N ALA B 92 8.44 -19.94 -24.58
CA ALA B 92 9.22 -20.03 -23.34
C ALA B 92 9.81 -21.42 -23.27
N LYS B 93 11.12 -21.50 -23.04
CA LYS B 93 11.74 -22.81 -22.88
C LYS B 93 12.05 -22.98 -21.42
N LEU B 94 11.68 -24.15 -20.86
CA LEU B 94 11.86 -24.42 -19.45
C LEU B 94 13.08 -25.32 -19.18
N SER B 95 13.56 -25.27 -17.94
CA SER B 95 14.76 -26.01 -17.49
C SER B 95 14.63 -27.53 -17.68
N ASP B 96 13.39 -28.04 -17.72
CA ASP B 96 13.12 -29.48 -17.90
C ASP B 96 12.98 -29.88 -19.39
N GLY B 97 13.20 -28.93 -20.29
CA GLY B 97 13.12 -29.17 -21.73
C GLY B 97 11.79 -28.83 -22.36
N THR B 98 10.76 -28.55 -21.55
CA THR B 98 9.46 -28.25 -22.13
C THR B 98 9.46 -26.89 -22.81
N SER B 99 8.72 -26.80 -23.92
CA SER B 99 8.59 -25.58 -24.68
C SER B 99 7.12 -25.18 -24.60
N ILE B 100 6.86 -23.90 -24.27
CA ILE B 100 5.51 -23.38 -24.09
C ILE B 100 5.26 -22.26 -25.08
N ASP B 101 4.27 -22.43 -25.96
CA ASP B 101 3.84 -21.33 -26.84
C ASP B 101 2.81 -20.56 -26.01
N CYS B 102 3.13 -19.33 -25.63
CA CYS B 102 2.27 -18.56 -24.74
C CYS B 102 1.89 -17.21 -25.31
N ALA B 103 0.78 -16.64 -24.83
CA ALA B 103 0.29 -15.35 -25.35
C ALA B 103 0.99 -14.17 -24.71
N SER B 104 1.41 -14.35 -23.44
CA SER B 104 2.00 -13.31 -22.62
C SER B 104 2.63 -13.98 -21.40
N ALA B 105 3.37 -13.18 -20.60
CA ALA B 105 3.99 -13.70 -19.38
C ALA B 105 3.74 -12.72 -18.27
N ILE B 106 3.52 -13.25 -17.06
CA ILE B 106 3.33 -12.42 -15.86
C ILE B 106 4.41 -12.84 -14.90
N LEU B 107 5.27 -11.89 -14.52
CA LEU B 107 6.35 -12.13 -13.59
C LEU B 107 5.88 -11.88 -12.16
N THR B 108 5.79 -12.96 -11.38
CA THR B 108 5.39 -12.89 -9.97
C THR B 108 6.49 -13.59 -9.17
N THR B 109 7.76 -13.22 -9.48
CA THR B 109 8.94 -13.87 -8.94
C THR B 109 9.39 -13.36 -7.57
N GLY B 110 8.65 -12.41 -7.00
CA GLY B 110 8.89 -12.03 -5.61
C GLY B 110 10.22 -11.40 -5.25
N PHE B 111 10.60 -11.59 -3.98
CA PHE B 111 11.72 -10.90 -3.37
C PHE B 111 12.65 -11.89 -2.68
N SER B 112 13.72 -11.37 -2.05
CA SER B 112 14.63 -12.16 -1.25
C SER B 112 14.71 -11.58 0.15
N HIS B 113 14.59 -12.41 1.18
CA HIS B 113 14.72 -11.93 2.55
C HIS B 113 16.11 -11.36 2.75
N PHE B 114 16.17 -10.19 3.42
CA PHE B 114 17.48 -9.63 3.76
C PHE B 114 18.19 -10.58 4.73
N ASP B 115 19.51 -10.78 4.54
CA ASP B 115 20.33 -11.61 5.42
C ASP B 115 21.12 -10.64 6.32
N SER B 116 20.82 -10.62 7.65
CA SER B 116 21.47 -9.68 8.58
C SER B 116 22.89 -10.04 8.95
N VAL B 117 23.46 -11.06 8.29
CA VAL B 117 24.92 -11.28 8.41
C VAL B 117 25.52 -9.98 7.76
N ASN B 118 24.73 -9.27 6.90
CA ASN B 118 25.09 -8.03 6.20
C ASN B 118 25.00 -6.73 7.05
N LYS B 119 24.57 -6.82 8.32
CA LYS B 119 24.57 -5.70 9.28
C LYS B 119 25.25 -6.30 10.53
N PRO B 120 26.56 -6.66 10.47
CA PRO B 120 27.20 -7.40 11.58
C PRO B 120 27.25 -6.79 12.98
N GLU B 121 27.21 -5.45 13.10
CA GLU B 121 27.22 -4.76 14.40
C GLU B 121 25.96 -5.09 15.24
N TRP B 122 24.91 -5.62 14.59
CA TRP B 122 23.64 -5.92 15.28
C TRP B 122 23.51 -7.40 15.75
N GLY B 123 24.63 -8.14 15.78
CA GLY B 123 24.75 -9.46 16.39
C GLY B 123 24.25 -10.71 15.70
N PHE B 124 23.69 -10.64 14.47
CA PHE B 124 23.22 -11.88 13.84
C PHE B 124 24.41 -12.76 13.42
N GLY B 125 24.33 -14.03 13.79
CA GLY B 125 25.40 -14.99 13.52
C GLY B 125 26.43 -15.05 14.63
N MET B 126 26.54 -13.98 15.44
CA MET B 126 27.47 -13.89 16.58
C MET B 126 26.90 -14.60 17.79
N PHE B 127 25.60 -14.38 18.06
CA PHE B 127 24.92 -14.90 19.24
C PHE B 127 23.67 -15.66 18.84
N PRO B 128 23.44 -16.88 19.38
CA PRO B 128 22.24 -17.65 18.98
C PRO B 128 20.91 -16.99 19.28
N ASP B 129 20.85 -16.12 20.31
CA ASP B 129 19.59 -15.48 20.68
C ASP B 129 19.29 -14.18 19.91
N VAL B 130 20.10 -13.88 18.87
CA VAL B 130 19.78 -12.80 17.93
C VAL B 130 19.08 -13.57 16.81
N VAL B 131 17.79 -13.27 16.59
CA VAL B 131 16.96 -14.02 15.62
C VAL B 131 16.32 -13.05 14.64
N THR B 132 15.81 -13.56 13.51
CA THR B 132 15.08 -12.72 12.57
C THR B 132 13.58 -12.84 12.85
N THR B 133 12.80 -11.90 12.30
CA THR B 133 11.35 -12.01 12.38
C THR B 133 10.89 -13.34 11.74
N THR B 134 11.58 -13.81 10.68
CA THR B 134 11.20 -15.10 10.03
C THR B 134 11.37 -16.25 11.05
N GLN B 135 12.44 -16.22 11.87
CA GLN B 135 12.61 -17.26 12.90
C GLN B 135 11.49 -17.23 13.94
N VAL B 136 11.05 -16.03 14.33
CA VAL B 136 9.96 -15.90 15.33
C VAL B 136 8.65 -16.40 14.70
N GLU B 137 8.37 -16.03 13.42
CA GLU B 137 7.18 -16.54 12.71
C GLU B 137 7.17 -18.08 12.80
N GLN B 138 8.35 -18.70 12.51
CA GLN B 138 8.49 -20.17 12.53
C GLN B 138 8.30 -20.76 13.92
N MET B 139 8.78 -20.07 14.97
CA MET B 139 8.60 -20.57 16.35
C MET B 139 7.11 -20.65 16.68
N ILE B 140 6.36 -19.65 16.23
CA ILE B 140 4.92 -19.60 16.47
C ILE B 140 4.18 -20.57 15.56
N SER B 141 4.44 -20.52 14.24
CA SER B 141 3.71 -21.35 13.28
C SER B 141 3.91 -22.83 13.48
N SER B 142 5.08 -23.26 13.99
CA SER B 142 5.36 -24.69 14.28
C SER B 142 4.65 -25.15 15.57
N GLY B 143 4.18 -24.19 16.35
CA GLY B 143 3.54 -24.44 17.65
C GLY B 143 4.55 -24.71 18.76
N LYS B 144 5.87 -24.67 18.44
CA LYS B 144 6.93 -24.89 19.44
C LYS B 144 6.98 -23.76 20.46
N GLY B 145 6.66 -22.55 20.01
CA GLY B 145 6.68 -21.40 20.90
C GLY B 145 7.96 -20.61 20.84
N VAL B 146 7.91 -19.38 21.33
CA VAL B 146 9.05 -18.49 21.31
C VAL B 146 10.01 -18.90 22.45
N ARG B 147 11.22 -19.35 22.06
CA ARG B 147 12.23 -19.81 23.01
C ARG B 147 13.63 -19.36 22.56
N CYS B 148 14.50 -19.09 23.53
CA CYS B 148 15.90 -18.76 23.25
C CYS B 148 16.60 -19.99 22.64
N LEU B 149 17.43 -19.79 21.62
CA LEU B 149 18.16 -20.89 20.99
C LEU B 149 19.32 -21.33 21.88
N SER B 150 19.86 -20.42 22.69
CA SER B 150 21.00 -20.72 23.57
C SER B 150 20.74 -21.87 24.53
N ASP B 151 19.58 -21.85 25.24
CA ASP B 151 19.27 -22.88 26.24
C ASP B 151 17.82 -23.35 26.23
N GLY B 152 17.02 -22.84 25.29
CA GLY B 152 15.62 -23.22 25.15
C GLY B 152 14.66 -22.56 26.13
N ARG B 153 15.14 -21.60 26.93
CA ARG B 153 14.29 -20.92 27.90
C ARG B 153 13.27 -19.98 27.24
N LYS B 154 12.18 -19.68 27.96
CA LYS B 154 11.21 -18.67 27.50
C LYS B 154 11.88 -17.32 27.80
N PRO B 155 12.00 -16.42 26.82
CA PRO B 155 12.58 -15.10 27.13
C PRO B 155 11.68 -14.29 28.06
N LYS B 156 12.27 -13.50 28.95
CA LYS B 156 11.53 -12.61 29.83
C LYS B 156 11.58 -11.19 29.25
N ARG B 157 12.61 -10.90 28.44
CA ARG B 157 12.77 -9.56 27.80
C ARG B 157 13.15 -9.76 26.34
N VAL B 158 12.35 -9.18 25.41
CA VAL B 158 12.60 -9.29 23.98
C VAL B 158 12.69 -7.90 23.39
N ALA B 159 13.71 -7.66 22.55
CA ALA B 159 13.84 -6.39 21.82
C ALA B 159 13.61 -6.71 20.36
N ILE B 160 12.87 -5.85 19.63
CA ILE B 160 12.72 -6.01 18.19
C ILE B 160 13.36 -4.77 17.59
N LEU B 161 14.35 -4.96 16.71
CA LEU B 161 15.02 -3.82 16.05
C LEU B 161 14.39 -3.65 14.69
N LEU B 162 13.82 -2.47 14.44
CA LEU B 162 13.21 -2.24 13.14
C LEU B 162 14.23 -1.80 12.10
N CYS B 163 13.84 -1.89 10.81
CA CYS B 163 14.63 -1.42 9.67
C CYS B 163 15.93 -2.19 9.45
N VAL B 164 15.96 -3.50 9.74
CA VAL B 164 17.19 -4.24 9.53
C VAL B 164 17.32 -4.57 8.04
N GLY B 165 18.29 -3.95 7.37
CA GLY B 165 18.44 -4.15 5.93
C GLY B 165 17.56 -3.25 5.10
N SER B 166 17.03 -2.17 5.72
CA SER B 166 16.21 -1.17 5.02
C SER B 166 16.58 0.20 5.52
N ARG B 167 16.22 1.25 4.74
CA ARG B 167 16.47 2.65 5.11
C ARG B 167 17.94 2.84 5.54
N ASP B 168 18.85 2.19 4.79
CA ASP B 168 20.27 2.15 5.13
C ASP B 168 21.12 2.37 3.87
N ARG B 169 21.45 3.65 3.59
CA ARG B 169 22.25 4.03 2.43
C ARG B 169 23.62 3.34 2.41
N GLN B 170 24.26 3.18 3.58
CA GLN B 170 25.59 2.58 3.73
C GLN B 170 25.70 1.16 3.18
N ILE B 171 24.58 0.41 3.17
CA ILE B 171 24.61 -0.95 2.65
C ILE B 171 23.80 -1.05 1.34
N GLY B 172 23.55 0.10 0.69
CA GLY B 172 22.86 0.18 -0.60
C GLY B 172 21.40 -0.21 -0.55
N ARG B 173 20.74 -0.02 0.60
CA ARG B 173 19.34 -0.43 0.75
C ARG B 173 18.51 0.75 1.25
N GLU B 174 18.24 1.67 0.33
CA GLU B 174 17.59 2.95 0.60
C GLU B 174 16.12 2.87 0.87
N TRP B 175 15.46 1.84 0.35
CA TRP B 175 14.03 1.70 0.47
C TRP B 175 13.55 1.42 1.88
N CYS B 176 12.26 1.68 2.09
CA CYS B 176 11.58 1.21 3.31
C CYS B 176 10.87 -0.11 2.88
N SER B 177 11.04 -1.17 3.69
CA SER B 177 10.47 -2.46 3.34
C SER B 177 8.98 -2.62 3.67
N LYS B 178 8.31 -1.51 4.05
CA LYS B 178 6.86 -1.28 4.05
C LYS B 178 6.01 -2.06 5.03
N ILE B 179 6.25 -3.37 5.19
CA ILE B 179 5.34 -4.16 6.03
C ILE B 179 5.97 -4.57 7.35
N CYS B 180 7.29 -4.36 7.53
CA CYS B 180 7.99 -4.83 8.74
C CYS B 180 7.50 -4.16 10.04
N CYS B 181 7.02 -2.91 9.99
CA CYS B 181 6.52 -2.24 11.22
C CYS B 181 5.31 -3.03 11.69
N THR B 182 4.36 -3.28 10.77
CA THR B 182 3.12 -3.96 11.14
C THR B 182 3.40 -5.41 11.52
N VAL B 183 4.26 -6.09 10.74
CA VAL B 183 4.65 -7.47 11.08
C VAL B 183 5.26 -7.52 12.48
N SER B 184 6.12 -6.54 12.83
CA SER B 184 6.74 -6.55 14.15
C SER B 184 5.72 -6.33 15.27
N ALA B 185 4.75 -5.41 15.05
CA ALA B 185 3.69 -5.18 16.03
C ALA B 185 2.87 -6.44 16.22
N ASN B 186 2.58 -7.14 15.10
CA ASN B 186 1.81 -8.40 15.14
C ASN B 186 2.59 -9.44 15.94
N LEU B 187 3.87 -9.64 15.58
CA LEU B 187 4.70 -10.62 16.29
C LEU B 187 4.83 -10.29 17.77
N ALA B 188 4.96 -8.99 18.10
CA ALA B 188 5.06 -8.59 19.52
C ALA B 188 3.79 -9.00 20.28
N MET B 189 2.59 -8.82 19.66
CA MET B 189 1.33 -9.24 20.30
C MET B 189 1.27 -10.75 20.44
N GLU B 190 1.75 -11.49 19.42
CA GLU B 190 1.76 -12.96 19.48
C GLU B 190 2.70 -13.46 20.58
N ILE B 191 3.87 -12.79 20.74
CA ILE B 191 4.82 -13.17 21.79
C ILE B 191 4.15 -12.93 23.15
N ARG B 192 3.51 -11.75 23.31
CA ARG B 192 2.85 -11.39 24.57
C ARG B 192 1.69 -12.32 24.93
N GLU B 193 0.96 -12.79 23.89
CA GLU B 193 -0.15 -13.70 24.13
C GLU B 193 0.37 -15.05 24.64
N GLU B 194 1.48 -15.54 24.07
CA GLU B 194 2.04 -16.82 24.51
C GLU B 194 2.75 -16.70 25.85
N LEU B 195 3.49 -15.60 26.04
CA LEU B 195 4.33 -15.35 27.21
C LEU B 195 3.88 -14.12 27.98
N PRO B 196 2.86 -14.25 28.86
CA PRO B 196 2.35 -13.08 29.61
C PRO B 196 3.37 -12.37 30.51
N ASP B 197 4.46 -13.05 30.89
CA ASP B 197 5.49 -12.46 31.73
C ASP B 197 6.65 -11.88 30.91
N CYS B 198 6.56 -11.93 29.57
CA CYS B 198 7.62 -11.43 28.71
C CYS B 198 7.38 -9.96 28.33
N HIS B 199 8.39 -9.10 28.53
CA HIS B 199 8.33 -7.68 28.17
C HIS B 199 8.90 -7.52 26.77
N VAL B 200 8.14 -6.87 25.86
CA VAL B 200 8.58 -6.69 24.47
C VAL B 200 8.79 -5.20 24.19
N TYR B 201 9.98 -4.86 23.68
CA TYR B 201 10.36 -3.48 23.33
C TYR B 201 10.69 -3.41 21.86
N ILE B 202 10.17 -2.39 21.16
CA ILE B 202 10.42 -2.21 19.74
C ILE B 202 11.22 -0.92 19.58
N TYR B 203 12.42 -1.03 18.99
CA TYR B 203 13.30 0.12 18.79
C TYR B 203 13.14 0.60 17.34
N TYR B 204 12.70 1.85 17.15
CA TYR B 204 12.34 2.32 15.83
C TYR B 204 12.92 3.66 15.41
N MET B 205 12.80 3.98 14.10
CA MET B 205 13.11 5.29 13.53
C MET B 205 11.73 5.96 13.30
N ASP B 206 10.81 5.26 12.61
CA ASP B 206 9.44 5.69 12.48
C ASP B 206 8.60 4.44 12.65
N ILE B 207 7.36 4.59 13.13
CA ILE B 207 6.40 3.51 13.11
C ILE B 207 5.53 3.80 11.91
N ARG B 208 5.42 2.80 11.00
CA ARG B 208 4.72 2.93 9.70
C ARG B 208 3.55 1.94 9.57
N THR B 209 2.65 1.95 10.55
CA THR B 209 1.43 1.11 10.52
C THR B 209 0.36 1.92 9.81
N PHE B 210 0.50 2.05 8.48
CA PHE B 210 -0.39 2.90 7.68
C PHE B 210 -1.82 2.33 7.52
N GLY B 211 -2.75 3.17 7.05
CA GLY B 211 -4.10 2.72 6.79
C GLY B 211 -4.79 2.14 8.02
N HIS B 212 -5.44 0.99 7.83
CA HIS B 212 -6.15 0.31 8.90
C HIS B 212 -5.22 -0.35 9.92
N TYR B 213 -3.92 -0.40 9.62
CA TYR B 213 -2.98 -1.04 10.54
C TYR B 213 -2.74 -0.21 11.79
N GLU B 214 -3.03 1.09 11.72
CA GLU B 214 -2.80 1.98 12.85
C GLU B 214 -3.55 1.53 14.10
N SER B 215 -4.87 1.40 14.00
CA SER B 215 -5.55 1.02 15.23
C SER B 215 -5.47 -0.49 15.48
N ASP B 216 -5.46 -1.32 14.43
CA ASP B 216 -5.47 -2.78 14.59
C ASP B 216 -4.17 -3.36 15.09
N TYR B 217 -3.05 -2.66 14.84
CA TYR B 217 -1.74 -3.16 15.25
C TYR B 217 -0.97 -2.22 16.13
N TYR B 218 -0.79 -0.96 15.72
CA TYR B 218 0.00 -0.07 16.56
C TYR B 218 -0.68 0.20 17.88
N TRP B 219 -1.93 0.72 17.84
CA TRP B 219 -2.62 1.05 19.10
C TRP B 219 -2.94 -0.18 19.93
N ARG B 220 -3.43 -1.26 19.28
CA ARG B 220 -3.77 -2.50 19.99
C ARG B 220 -2.54 -3.11 20.68
N SER B 221 -1.37 -3.07 20.00
CA SER B 221 -0.16 -3.66 20.61
C SER B 221 0.19 -2.97 21.90
N GLN B 222 -0.06 -1.66 21.97
CA GLN B 222 0.25 -0.90 23.18
C GLN B 222 -0.81 -1.04 24.25
N GLU B 223 -2.06 -0.83 23.87
CA GLU B 223 -3.17 -0.80 24.83
C GLU B 223 -3.60 -2.17 25.35
N GLU B 224 -3.68 -3.18 24.49
CA GLU B 224 -4.08 -4.52 24.94
C GLU B 224 -2.89 -5.36 25.37
N PHE B 225 -1.75 -5.22 24.68
CA PHE B 225 -0.60 -6.08 24.90
C PHE B 225 0.61 -5.42 25.58
N LYS B 226 0.54 -4.13 25.92
CA LYS B 226 1.60 -3.42 26.65
C LYS B 226 2.97 -3.51 25.99
N VAL B 227 2.99 -3.51 24.66
CA VAL B 227 4.24 -3.50 23.92
C VAL B 227 4.78 -2.09 24.03
N LYS B 228 6.09 -1.96 24.30
CA LYS B 228 6.74 -0.65 24.45
C LYS B 228 7.47 -0.29 23.18
N TYR B 229 7.39 0.98 22.80
CA TYR B 229 8.01 1.50 21.58
C TYR B 229 8.97 2.60 21.98
N ILE B 230 10.24 2.49 21.55
CA ILE B 230 11.27 3.49 21.87
C ILE B 230 11.92 3.98 20.59
N LYS B 231 11.91 5.30 20.36
CA LYS B 231 12.57 5.86 19.18
C LYS B 231 14.05 5.93 19.50
N ALA B 232 14.85 5.11 18.80
CA ALA B 232 16.29 5.09 19.06
C ALA B 232 17.09 4.58 17.88
N ARG B 233 18.34 5.06 17.74
CA ARG B 233 19.25 4.61 16.70
C ARG B 233 20.16 3.58 17.37
N ILE B 234 20.09 2.31 16.93
CA ILE B 234 20.87 1.21 17.53
C ILE B 234 22.24 1.15 16.90
N ALA B 235 23.28 1.17 17.74
CA ALA B 235 24.66 1.14 17.30
C ALA B 235 25.17 -0.30 17.25
N GLU B 236 24.95 -1.04 18.34
CA GLU B 236 25.42 -2.42 18.42
C GLU B 236 24.60 -3.32 19.34
N VAL B 237 24.73 -4.64 19.13
CA VAL B 237 24.17 -5.67 20.00
C VAL B 237 25.36 -6.50 20.46
N THR B 238 25.57 -6.57 21.78
CA THR B 238 26.68 -7.32 22.38
C THR B 238 26.13 -8.33 23.40
N SER B 239 27.02 -9.06 24.09
CA SER B 239 26.66 -10.03 25.11
C SER B 239 27.52 -9.81 26.35
N ASP B 240 26.95 -10.03 27.55
CA ASP B 240 27.66 -9.89 28.83
C ASP B 240 28.02 -11.27 29.40
N GLY B 241 27.70 -12.32 28.65
CA GLY B 241 27.94 -13.71 29.04
C GLY B 241 26.67 -14.54 29.11
N LYS B 242 25.57 -13.97 29.63
CA LYS B 242 24.29 -14.68 29.77
C LYS B 242 23.11 -13.98 29.11
N GLN B 243 23.22 -12.65 28.86
CA GLN B 243 22.17 -11.85 28.20
C GLN B 243 22.74 -11.00 27.07
N LEU B 244 21.87 -10.48 26.18
CA LEU B 244 22.27 -9.63 25.08
C LEU B 244 22.13 -8.19 25.53
N ILE B 245 22.98 -7.28 25.03
CA ILE B 245 22.93 -5.86 25.39
C ILE B 245 22.69 -5.06 24.13
N VAL B 246 21.59 -4.28 24.10
CA VAL B 246 21.23 -3.40 22.98
C VAL B 246 21.84 -2.04 23.33
N LYS B 247 22.76 -1.55 22.49
CA LYS B 247 23.43 -0.26 22.69
C LYS B 247 23.03 0.74 21.62
N GLY B 248 22.60 1.90 22.08
CA GLY B 248 22.18 2.93 21.14
C GLY B 248 22.08 4.30 21.74
N GLU B 249 21.39 5.18 21.03
CA GLU B 249 21.20 6.57 21.41
C GLU B 249 19.70 6.81 21.40
N ASP B 250 19.15 7.17 22.57
CA ASP B 250 17.72 7.41 22.73
C ASP B 250 17.30 8.72 22.03
N THR B 251 16.64 8.60 20.86
CA THR B 251 16.14 9.76 20.12
C THR B 251 14.87 10.23 20.82
N LEU B 252 14.82 11.55 21.14
CA LEU B 252 13.78 12.32 21.87
C LEU B 252 14.55 13.23 22.83
N VAL B 253 15.51 12.63 23.55
CA VAL B 253 16.44 13.26 24.49
C VAL B 253 17.79 12.57 24.32
N LYS B 254 18.67 13.19 23.47
CA LYS B 254 20.00 12.69 23.10
C LYS B 254 20.86 12.28 24.32
N ARG B 255 20.70 11.00 24.70
CA ARG B 255 21.32 10.31 25.84
C ARG B 255 21.60 8.84 25.43
N PRO B 256 22.79 8.27 25.75
CA PRO B 256 23.03 6.86 25.37
C PRO B 256 22.29 5.83 26.21
N ILE B 257 21.94 4.68 25.58
CA ILE B 257 21.24 3.57 26.23
C ILE B 257 22.02 2.24 26.11
N THR B 258 21.94 1.42 27.17
CA THR B 258 22.58 0.11 27.33
C THR B 258 21.50 -0.73 28.04
N ILE B 259 20.74 -1.52 27.25
CA ILE B 259 19.59 -2.26 27.79
C ILE B 259 19.76 -3.78 27.63
N PRO B 260 19.56 -4.59 28.72
CA PRO B 260 19.71 -6.05 28.61
C PRO B 260 18.46 -6.77 28.10
N PHE B 261 18.64 -7.87 27.33
CA PHE B 261 17.55 -8.65 26.76
C PHE B 261 17.88 -10.14 26.66
N ASP B 262 16.86 -11.00 26.68
CA ASP B 262 17.06 -12.43 26.46
C ASP B 262 17.10 -12.77 24.98
N MET B 263 16.27 -12.10 24.16
N MET B 263 16.32 -12.03 24.18
CA MET B 263 16.21 -12.36 22.72
CA MET B 263 16.21 -12.26 22.75
C MET B 263 16.13 -11.01 21.99
C MET B 263 16.22 -10.92 22.05
N VAL B 264 16.88 -10.88 20.87
CA VAL B 264 16.88 -9.67 20.03
C VAL B 264 16.39 -10.13 18.68
N VAL B 265 15.29 -9.53 18.20
CA VAL B 265 14.67 -9.90 16.93
C VAL B 265 14.99 -8.82 15.90
N HIS B 266 15.40 -9.24 14.70
CA HIS B 266 15.66 -8.30 13.60
C HIS B 266 14.49 -8.27 12.64
N ALA B 267 13.90 -7.09 12.42
CA ALA B 267 12.83 -6.92 11.44
C ALA B 267 13.50 -6.72 10.09
N ILE B 268 13.85 -7.87 9.47
CA ILE B 268 14.61 -7.91 8.21
C ILE B 268 13.77 -7.39 7.03
N GLY B 269 14.45 -6.70 6.12
CA GLY B 269 13.80 -6.11 4.97
C GLY B 269 13.59 -7.04 3.80
N MET B 270 12.95 -6.50 2.76
CA MET B 270 12.62 -7.25 1.55
C MET B 270 13.55 -6.77 0.43
N ASP B 271 14.66 -7.51 0.23
CA ASP B 271 15.59 -7.20 -0.83
C ASP B 271 14.97 -7.58 -2.19
N PRO B 272 15.46 -7.00 -3.30
CA PRO B 272 15.05 -7.50 -4.61
C PRO B 272 15.45 -8.98 -4.71
N ASN B 273 14.70 -9.77 -5.48
CA ASN B 273 15.04 -11.17 -5.69
C ASN B 273 16.47 -11.28 -6.25
N VAL B 274 17.28 -12.14 -5.63
CA VAL B 274 18.65 -12.36 -6.09
C VAL B 274 18.69 -12.79 -7.58
N ASP B 275 17.59 -13.36 -8.11
CA ASP B 275 17.51 -13.80 -9.50
C ASP B 275 17.13 -12.68 -10.47
N ASN B 276 16.87 -11.44 -9.99
CA ASN B 276 16.38 -10.42 -10.91
C ASN B 276 17.29 -10.07 -12.09
N MET B 277 18.63 -10.14 -11.94
N MET B 277 18.63 -10.15 -11.94
CA MET B 277 19.49 -9.85 -13.10
CA MET B 277 19.49 -9.86 -13.10
C MET B 277 19.32 -10.92 -14.18
C MET B 277 19.32 -10.92 -14.18
N THR B 278 19.17 -12.19 -13.77
CA THR B 278 18.95 -13.29 -14.70
C THR B 278 17.54 -13.18 -15.34
N ILE B 279 16.50 -12.94 -14.52
CA ILE B 279 15.14 -12.78 -15.04
C ILE B 279 15.12 -11.63 -16.05
N SER B 280 15.76 -10.48 -15.72
CA SER B 280 15.82 -9.32 -16.61
C SER B 280 16.43 -9.74 -17.96
N ALA B 281 17.55 -10.49 -17.92
CA ALA B 281 18.21 -10.89 -19.17
C ALA B 281 17.35 -11.85 -19.99
N ILE B 282 16.71 -12.81 -19.31
CA ILE B 282 15.90 -13.83 -20.00
C ILE B 282 14.64 -13.23 -20.63
N PHE B 283 13.90 -12.43 -19.86
CA PHE B 283 12.65 -11.87 -20.33
C PHE B 283 12.82 -10.55 -21.08
N GLY B 284 14.02 -9.95 -21.04
CA GLY B 284 14.27 -8.68 -21.73
C GLY B 284 13.45 -7.55 -21.11
N VAL B 285 13.40 -7.50 -19.76
CA VAL B 285 12.66 -6.47 -19.02
C VAL B 285 13.61 -5.61 -18.22
N GLU B 286 13.31 -4.31 -18.13
CA GLU B 286 14.16 -3.39 -17.39
C GLU B 286 14.01 -3.55 -15.89
N LEU B 287 15.10 -3.25 -15.17
CA LEU B 287 15.09 -3.24 -13.73
C LEU B 287 15.00 -1.81 -13.21
N HIS B 288 14.41 -1.68 -12.01
CA HIS B 288 14.36 -0.44 -11.23
C HIS B 288 15.80 -0.15 -10.76
N LYS B 289 16.12 1.13 -10.47
CA LYS B 289 17.47 1.50 -10.01
C LYS B 289 17.94 0.71 -8.79
N HIS B 290 17.01 0.22 -7.97
CA HIS B 290 17.35 -0.52 -6.76
C HIS B 290 17.31 -2.03 -6.96
N GLY B 291 17.08 -2.49 -8.20
CA GLY B 291 17.22 -3.92 -8.49
C GLY B 291 15.96 -4.72 -8.66
N TYR B 292 14.81 -4.09 -8.35
CA TYR B 292 13.49 -4.72 -8.50
C TYR B 292 13.11 -4.71 -9.99
N ILE B 293 12.02 -5.43 -10.35
CA ILE B 293 11.59 -5.44 -11.76
C ILE B 293 10.77 -4.16 -11.99
N ALA B 294 11.10 -3.37 -13.03
CA ALA B 294 10.40 -2.09 -13.24
C ALA B 294 9.00 -2.29 -13.76
N ARG B 295 8.10 -1.40 -13.30
CA ARG B 295 6.72 -1.41 -13.73
C ARG B 295 6.42 -0.03 -14.33
N LYS B 296 5.66 0.00 -15.44
CA LYS B 296 5.24 1.28 -16.01
C LYS B 296 4.20 1.95 -15.07
N ASP B 297 3.90 3.24 -15.33
CA ASP B 297 2.89 3.91 -14.50
C ASP B 297 1.53 3.26 -14.61
N THR B 298 0.73 3.33 -13.54
CA THR B 298 -0.53 2.57 -13.47
C THR B 298 -1.63 3.17 -14.33
N TYR B 299 -1.50 4.44 -14.75
CA TYR B 299 -2.57 5.11 -15.49
C TYR B 299 -2.72 4.60 -16.92
N GLY B 300 -1.67 3.93 -17.41
CA GLY B 300 -1.62 3.43 -18.79
C GLY B 300 -2.10 1.98 -18.83
N LEU B 301 -1.16 1.05 -18.74
CA LEU B 301 -1.50 -0.38 -18.72
C LEU B 301 -1.01 -0.94 -17.38
N MET B 302 -1.97 -1.33 -16.54
CA MET B 302 -1.68 -1.80 -15.19
C MET B 302 -0.81 -3.05 -15.19
N GLY B 303 0.35 -2.98 -14.56
CA GLY B 303 1.25 -4.11 -14.43
C GLY B 303 2.20 -4.29 -15.59
N ALA B 304 2.18 -3.38 -16.56
CA ALA B 304 3.12 -3.50 -17.68
C ALA B 304 4.59 -3.35 -17.25
N THR B 305 5.47 -4.20 -17.83
CA THR B 305 6.91 -4.02 -17.70
C THR B 305 7.36 -3.16 -18.88
N SER B 306 8.68 -3.03 -19.07
CA SER B 306 9.19 -2.30 -20.24
C SER B 306 8.93 -3.04 -21.55
N ARG B 307 8.61 -4.35 -21.49
CA ARG B 307 8.45 -5.16 -22.69
C ARG B 307 6.96 -5.43 -23.00
N PRO B 308 6.50 -5.17 -24.24
CA PRO B 308 5.11 -5.51 -24.59
C PRO B 308 4.84 -7.00 -24.37
N GLY B 309 3.68 -7.30 -23.75
CA GLY B 309 3.29 -8.68 -23.51
C GLY B 309 3.86 -9.32 -22.26
N VAL B 310 4.70 -8.58 -21.50
CA VAL B 310 5.26 -9.08 -20.23
C VAL B 310 4.79 -8.14 -19.12
N PHE B 311 4.17 -8.73 -18.08
CA PHE B 311 3.59 -8.00 -16.96
C PHE B 311 4.31 -8.39 -15.66
N VAL B 312 4.10 -7.60 -14.60
CA VAL B 312 4.76 -7.85 -13.33
C VAL B 312 3.81 -7.48 -12.19
N ALA B 313 3.88 -8.24 -11.09
CA ALA B 313 2.98 -7.99 -9.98
C ALA B 313 3.63 -8.43 -8.69
N GLY B 314 3.29 -7.70 -7.62
CA GLY B 314 3.71 -8.06 -6.28
C GLY B 314 5.07 -7.58 -5.85
N SER B 315 5.73 -8.36 -4.97
CA SER B 315 7.00 -7.96 -4.38
C SER B 315 8.16 -7.97 -5.38
N ALA B 316 7.90 -8.49 -6.60
CA ALA B 316 8.92 -8.37 -7.65
C ALA B 316 9.26 -6.88 -7.89
N ILE B 317 8.25 -5.99 -7.73
CA ILE B 317 8.38 -4.55 -8.04
C ILE B 317 9.02 -3.73 -6.92
N GLY B 318 8.91 -4.24 -5.71
CA GLY B 318 9.42 -3.57 -4.54
C GLY B 318 8.84 -4.20 -3.30
N PRO B 319 9.31 -3.79 -2.11
CA PRO B 319 8.70 -4.33 -0.87
C PRO B 319 7.18 -4.17 -0.94
N GLU B 320 6.46 -5.25 -0.62
CA GLU B 320 5.03 -5.23 -0.83
C GLU B 320 4.32 -6.17 0.12
N THR B 321 3.06 -5.85 0.39
CA THR B 321 2.19 -6.65 1.26
C THR B 321 1.54 -7.76 0.45
N ILE B 322 0.96 -8.71 1.16
CA ILE B 322 0.26 -9.81 0.48
C ILE B 322 -1.03 -9.31 -0.16
N ASP B 323 -1.82 -8.49 0.56
CA ASP B 323 -3.06 -8.01 -0.06
C ASP B 323 -2.79 -7.20 -1.33
N ASP B 324 -1.73 -6.37 -1.30
CA ASP B 324 -1.43 -5.57 -2.49
C ASP B 324 -0.88 -6.46 -3.62
N SER B 325 -0.08 -7.50 -3.25
CA SER B 325 0.49 -8.39 -4.27
C SER B 325 -0.65 -9.15 -4.96
N ILE B 326 -1.66 -9.60 -4.18
CA ILE B 326 -2.77 -10.33 -4.78
C ILE B 326 -3.55 -9.41 -5.70
N ALA B 327 -3.81 -8.16 -5.26
CA ALA B 327 -4.56 -7.25 -6.14
C ALA B 327 -3.77 -7.01 -7.45
N GLN B 328 -2.46 -6.76 -7.31
CA GLN B 328 -1.62 -6.50 -8.49
C GLN B 328 -1.61 -7.70 -9.43
N ALA B 329 -1.60 -8.92 -8.87
CA ALA B 329 -1.56 -10.13 -9.72
C ALA B 329 -2.86 -10.29 -10.51
N ASN B 330 -4.01 -10.05 -9.84
CA ASN B 330 -5.29 -10.10 -10.53
C ASN B 330 -5.31 -9.01 -11.62
N ALA B 331 -4.76 -7.82 -11.30
CA ALA B 331 -4.77 -6.73 -12.27
C ALA B 331 -3.87 -7.05 -13.47
N ALA B 332 -2.71 -7.68 -13.23
CA ALA B 332 -1.81 -8.04 -14.34
C ALA B 332 -2.50 -9.10 -15.20
N ALA B 333 -3.26 -9.99 -14.58
CA ALA B 333 -4.00 -11.02 -15.34
C ALA B 333 -5.03 -10.34 -16.26
N MET B 334 -5.71 -9.31 -15.72
N MET B 334 -5.72 -9.31 -15.74
CA MET B 334 -6.69 -8.51 -16.44
CA MET B 334 -6.69 -8.56 -16.52
C MET B 334 -6.01 -7.82 -17.66
C MET B 334 -5.99 -7.87 -17.71
N SER B 335 -4.80 -7.26 -17.47
CA SER B 335 -4.06 -6.61 -18.56
C SER B 335 -3.58 -7.64 -19.59
N ALA B 336 -3.14 -8.82 -19.13
CA ALA B 336 -2.71 -9.86 -20.07
C ALA B 336 -3.89 -10.31 -20.96
N LEU B 337 -5.09 -10.40 -20.37
CA LEU B 337 -6.28 -10.78 -21.14
C LEU B 337 -6.60 -9.77 -22.25
N SER B 338 -6.26 -8.46 -22.04
CA SER B 338 -6.53 -7.41 -23.04
C SER B 338 -5.74 -7.64 -24.34
N LEU B 339 -4.70 -8.50 -24.31
CA LEU B 339 -3.87 -8.75 -25.51
C LEU B 339 -4.59 -9.54 -26.60
N GLY B 340 -5.73 -10.13 -26.24
CA GLY B 340 -6.56 -10.90 -27.17
C GLY B 340 -7.33 -10.02 -28.14
N ARG B 341 -7.57 -8.76 -27.73
CA ARG B 341 -8.27 -7.69 -28.45
C ARG B 341 -9.74 -8.03 -28.69
FE1 SF4 C . -0.99 10.71 6.82
FE2 SF4 C . -0.35 8.60 8.30
FE3 SF4 C . -0.23 11.07 9.41
FE4 SF4 C . 1.60 10.36 7.53
S1 SF4 C . 1.35 9.37 9.62
S2 SF4 C . 0.37 12.36 7.58
S3 SF4 C . 0.40 9.00 6.14
S4 SF4 C . -2.12 10.02 8.71
PA FAD D . -12.22 9.04 -5.59
O1A FAD D . -11.07 9.75 -6.22
O2A FAD D . -12.75 9.57 -4.30
O5B FAD D . -13.36 8.90 -6.70
C5B FAD D . -14.66 8.44 -6.23
C4B FAD D . -15.65 8.88 -7.28
O4B FAD D . -16.96 8.35 -6.94
C3B FAD D . -15.81 10.40 -7.40
O3B FAD D . -15.84 10.86 -8.76
C2B FAD D . -17.12 10.66 -6.66
O2B FAD D . -17.79 11.84 -7.07
C1B FAD D . -17.90 9.40 -6.99
N9A FAD D . -18.99 9.09 -6.06
C8A FAD D . -18.97 9.23 -4.70
N7A FAD D . -20.10 8.89 -4.12
C5A FAD D . -20.89 8.46 -5.18
C6A FAD D . -22.22 8.00 -5.23
N6A FAD D . -23.03 7.97 -4.16
N1A FAD D . -22.71 7.64 -6.44
C2A FAD D . -21.94 7.78 -7.52
N3A FAD D . -20.70 8.28 -7.61
C4A FAD D . -20.22 8.58 -6.38
N1 FAD D . -2.65 9.37 -4.05
C2 FAD D . -1.56 8.97 -4.78
O2 FAD D . -1.35 7.78 -5.03
N3 FAD D . -0.73 9.96 -5.29
C4 FAD D . -0.90 11.33 -5.13
O4 FAD D . -0.06 12.12 -5.57
C4X FAD D . -2.06 11.72 -4.38
N5 FAD D . -2.28 13.00 -4.15
C5X FAD D . -3.21 13.34 -3.18
C6 FAD D . -3.26 14.66 -2.70
C7 FAD D . -4.13 15.02 -1.68
C7M FAD D . -4.14 16.46 -1.21
C8 FAD D . -4.97 14.04 -1.09
C8M FAD D . -5.95 14.39 0.01
C9 FAD D . -4.91 12.73 -1.56
C9A FAD D . -4.05 12.37 -2.61
N10 FAD D . -3.93 11.03 -3.06
C10 FAD D . -2.89 10.66 -3.87
C1' FAD D . -4.96 9.99 -2.82
C2' FAD D . -6.01 9.97 -3.93
O2' FAD D . -6.90 11.08 -3.77
C3' FAD D . -6.84 8.67 -3.92
O3' FAD D . -5.96 7.54 -4.01
C4' FAD D . -7.81 8.51 -5.08
O4' FAD D . -8.54 9.73 -5.32
C5' FAD D . -8.72 7.32 -4.86
O5' FAD D . -9.44 7.10 -6.09
P FAD D . -10.87 6.42 -5.98
O1P FAD D . -10.85 5.29 -5.01
O2P FAD D . -11.29 6.14 -7.38
O3P FAD D . -11.80 7.52 -5.32
O1 MES E . 0.92 25.51 -14.38
C2 MES E . 1.01 25.48 -15.78
C3 MES E . 0.02 24.54 -16.42
N4 MES E . 0.29 23.14 -15.96
C5 MES E . 0.74 23.10 -14.55
C6 MES E . 0.33 24.34 -13.82
C7 MES E . -0.83 22.21 -16.27
C8 MES E . -0.56 21.44 -17.53
S MES E . -1.21 19.80 -17.42
O1S MES E . -2.25 19.70 -18.32
O2S MES E . -0.15 18.93 -17.63
O3S MES E . -1.69 19.67 -16.10
O1 MES F . -14.26 24.79 -7.05
C2 MES F . -13.86 25.01 -5.68
C3 MES F . -12.97 23.90 -5.17
N4 MES F . -13.66 22.59 -5.31
C5 MES F . -14.10 22.38 -6.72
C6 MES F . -14.95 23.54 -7.17
C7 MES F . -12.83 21.44 -4.80
C8 MES F . -13.07 21.24 -3.31
S MES F . -12.13 19.84 -2.76
O1S MES F . -10.75 20.13 -3.06
O2S MES F . -12.64 18.70 -3.49
O3S MES F . -12.38 19.74 -1.32
O1 MES G . 6.23 10.15 -21.81
C2 MES G . 4.86 10.03 -21.43
C3 MES G . 4.25 8.71 -21.78
N4 MES G . 4.96 7.60 -21.08
C5 MES G . 6.34 7.99 -20.69
C6 MES G . 6.91 8.90 -21.74
C7 MES G . 4.15 7.06 -19.93
C8 MES G . 2.75 6.76 -20.39
S MES G . 2.02 5.28 -19.73
O1S MES G . 0.90 5.05 -20.61
O2S MES G . 2.98 4.23 -19.86
O3S MES G . 1.65 5.58 -18.35
FE1 SF4 H . 8.97 0.08 9.42
FE2 SF4 H . 10.13 -1.74 7.77
FE3 SF4 H . 11.63 0.24 8.90
FE4 SF4 H . 9.85 0.75 6.92
S1 SF4 H . 11.77 -0.49 6.76
S2 SF4 H . 10.12 2.01 8.82
S3 SF4 H . 8.10 -0.66 7.45
S4 SF4 H . 10.56 -1.51 10.02
PA FAD I . 7.07 -14.34 -2.94
O1A FAD I . 6.26 -14.73 -1.76
O2A FAD I . 8.50 -13.97 -2.74
O5B FAD I . 6.90 -15.52 -3.98
C5B FAD I . 7.73 -15.52 -5.16
C4B FAD I . 7.76 -16.94 -5.67
O4B FAD I . 8.49 -16.97 -6.92
C3B FAD I . 8.43 -17.97 -4.74
O3B FAD I . 7.67 -19.18 -4.62
C2B FAD I . 9.79 -18.15 -5.39
O2B FAD I . 10.43 -19.40 -5.12
C1B FAD I . 9.45 -18.01 -6.87
N9A FAD I . 10.57 -17.65 -7.72
C8A FAD I . 11.58 -16.77 -7.41
N7A FAD I . 12.49 -16.66 -8.35
C5A FAD I . 12.04 -17.51 -9.35
C6A FAD I . 12.55 -17.82 -10.62
N6A FAD I . 13.77 -17.45 -11.06
N1A FAD I . 11.81 -18.64 -11.41
C2A FAD I . 10.69 -19.18 -10.91
N3A FAD I . 10.14 -19.00 -9.70
C4A FAD I . 10.85 -18.12 -8.98
N1 FAD I . 2.85 -9.34 4.18
C2 FAD I . 1.54 -9.18 4.59
O2 FAD I . 0.72 -8.57 3.87
N3 FAD I . 1.13 -9.76 5.78
C4 FAD I . 1.94 -10.47 6.66
O4 FAD I . 1.51 -10.86 7.76
C4X FAD I . 3.31 -10.65 6.20
N5 FAD I . 4.16 -11.28 7.00
C5X FAD I . 5.51 -11.18 6.70
C6 FAD I . 6.44 -11.62 7.64
C7 FAD I . 7.81 -11.50 7.42
C7M FAD I . 8.77 -12.02 8.46
C8 FAD I . 8.27 -10.88 6.22
C8M FAD I . 9.74 -10.72 5.93
C9 FAD I . 7.35 -10.43 5.29
C9A FAD I . 5.97 -10.59 5.50
N10 FAD I . 5.01 -10.11 4.59
C10 FAD I . 3.68 -10.04 4.94
C1' FAD I . 5.36 -9.82 3.18
C2' FAD I . 5.15 -11.05 2.29
O2' FAD I . 6.23 -11.98 2.47
C3' FAD I . 5.03 -10.68 0.81
O3' FAD I . 4.00 -9.69 0.61
C4' FAD I . 4.71 -11.82 -0.16
O4' FAD I . 5.48 -12.99 0.12
C5' FAD I . 4.85 -11.34 -1.59
O5' FAD I . 4.29 -12.39 -2.42
P FAD I . 4.89 -12.55 -3.90
O1P FAD I . 5.07 -11.24 -4.56
O2P FAD I . 4.02 -13.57 -4.60
O3P FAD I . 6.37 -13.10 -3.67
O1 MES J . -14.53 -17.89 8.54
C2 MES J . -15.28 -16.74 8.09
C3 MES J . -14.96 -16.41 6.64
N4 MES J . -13.49 -16.51 6.39
C5 MES J . -13.02 -17.92 6.64
C6 MES J . -14.05 -18.67 7.45
C7 MES J . -13.08 -15.94 5.05
C8 MES J . -13.00 -16.90 3.84
S MES J . -12.62 -16.05 2.33
O1S MES J . -11.34 -15.38 2.54
O2S MES J . -12.56 -17.07 1.28
O3S MES J . -13.71 -15.11 2.11
O1 MES K . 14.17 -25.03 6.33
C2 MES K . 13.32 -24.77 5.19
C3 MES K . 13.32 -23.30 4.81
N4 MES K . 13.33 -22.45 6.04
C5 MES K . 14.58 -22.69 6.83
C6 MES K . 15.19 -24.02 6.45
C7 MES K . 13.06 -21.00 5.73
C8 MES K . 14.26 -20.09 5.40
S MES K . 13.68 -18.43 5.11
O1S MES K . 12.92 -18.49 3.87
O2S MES K . 14.88 -17.60 4.99
O3S MES K . 12.87 -18.07 6.26
#